data_8RS4
#
_entry.id   8RS4
#
_cell.length_a   137.590
_cell.length_b   137.590
_cell.length_c   144.050
_cell.angle_alpha   90.000
_cell.angle_beta   90.000
_cell.angle_gamma   120.000
#
_symmetry.space_group_name_H-M   'P 64'
#
loop_
_entity.id
_entity.type
_entity.pdbx_description
1 polymer 'Tryptophan 6-halogenase ThaL'
2 non-polymer 2,3,4,9-tetrahydro-1~{H}-pyrido[3,4-b]indole
3 non-polymer GLYCEROL
4 non-polymer 'PHOSPHATE ION'
5 non-polymer 'SODIUM ION'
6 water water
#
_entity_poly.entity_id   1
_entity_poly.type   'polypeptide(L)'
_entity_poly.pdbx_seq_one_letter_code
;GAMDNRIKTVVILGGGTAGWMTAAYLGKALQNTVKIVVLEAPTIPRIGVGEATVPNLQRAFFDYLGIPEEEWMRECNASY
KMAVKFINWRTPGEGSPDPRTLDDGHTDTFHHPFGLLPSADQIPLSHYWAAKRLQGETDENFDEACFADTAIMNAKKAPR
FLDMRRATNYAWHFDASKVAAFLRNFAVTKQAVEHVEDEMTEVLTDERGFITALRTKSGRILQGDLFVDCSGFRGLLINK
AMEEPFIDMSDHLLCNSAVATAVPHDDEKNGVEPYTSSIAMEAGWTWKIPMLGRFGSGHVYSDHFATQDEATLAFSKLWG
LDPDNTEFNHVRFRVGRNRRAWVRNCVSVGLASCFVEPLESSGIYFIYAAIHMLAKHFPDKTFDKVLVDRFNREIEEMFD
DTRDFLQAHYYFSPRVDTPFWRANKELKLADSIKDKVETYRAGLPVNLPVTDEGTYYGNFEAEFRNFWTNGSYYCIFAGL
GLMPRNPLPALAYKPQSIAEAELLFADVKRKGDTLVESLPSTYDLLRQLHGAS
;
_entity_poly.pdbx_strand_id   A,B
#
loop_
_chem_comp.id
_chem_comp.type
_chem_comp.name
_chem_comp.formula
GOL non-polymer GLYCEROL 'C3 H8 O3'
NA non-polymer 'SODIUM ION' 'Na 1'
PO4 non-polymer 'PHOSPHATE ION' 'O4 P -3'
WYH non-polymer 2,3,4,9-tetrahydro-1~{H}-pyrido[3,4-b]indole 'C11 H12 N2'
#
# COMPACT_ATOMS: atom_id res chain seq x y z
N ASP A 4 -17.58 26.42 -20.49
CA ASP A 4 -16.27 25.75 -20.49
C ASP A 4 -15.34 26.54 -19.58
N ASN A 5 -15.17 26.05 -18.34
CA ASN A 5 -14.37 26.69 -17.30
C ASN A 5 -12.98 26.05 -17.16
N ARG A 6 -12.55 25.34 -18.19
CA ARG A 6 -11.32 24.58 -18.23
C ARG A 6 -10.12 25.50 -18.35
N ILE A 7 -9.01 25.08 -17.75
CA ILE A 7 -7.71 25.59 -18.16
C ILE A 7 -7.61 25.49 -19.67
N LYS A 8 -7.22 26.59 -20.31
CA LYS A 8 -7.00 26.59 -21.76
C LYS A 8 -5.54 26.66 -22.12
N THR A 9 -4.70 27.31 -21.32
CA THR A 9 -3.30 27.46 -21.65
C THR A 9 -2.49 27.13 -20.42
N VAL A 10 -1.45 26.31 -20.60
CA VAL A 10 -0.49 25.99 -19.57
C VAL A 10 0.85 26.60 -19.99
N VAL A 11 1.46 27.38 -19.09
CA VAL A 11 2.76 27.97 -19.36
C VAL A 11 3.74 27.33 -18.40
N ILE A 12 4.82 26.78 -18.97
CA ILE A 12 5.85 26.09 -18.23
C ILE A 12 7.08 26.98 -18.31
N LEU A 13 7.57 27.41 -17.14
CA LEU A 13 8.76 28.25 -17.09
C LEU A 13 9.96 27.35 -16.88
N GLY A 14 10.86 27.32 -17.87
CA GLY A 14 12.07 26.51 -17.77
C GLY A 14 12.02 25.25 -18.61
N GLY A 15 13.16 24.89 -19.18
CA GLY A 15 13.27 23.65 -19.93
C GLY A 15 14.01 22.61 -19.13
N GLY A 16 15.05 22.02 -19.70
CA GLY A 16 15.71 20.86 -19.13
C GLY A 16 14.76 19.69 -18.95
N THR A 17 15.20 18.74 -18.11
CA THR A 17 14.40 17.53 -17.94
C THR A 17 13.05 17.87 -17.33
N ALA A 18 13.03 18.72 -16.30
CA ALA A 18 11.79 19.01 -15.61
C ALA A 18 10.79 19.68 -16.57
N GLY A 19 11.23 20.72 -17.30
CA GLY A 19 10.31 21.44 -18.16
C GLY A 19 9.78 20.60 -19.31
N TRP A 20 10.67 19.84 -19.97
CA TRP A 20 10.27 19.12 -21.18
C TRP A 20 9.60 17.79 -20.82
N MET A 21 9.89 17.23 -19.64
CA MET A 21 9.10 16.09 -19.19
C MET A 21 7.68 16.54 -18.89
N THR A 22 7.52 17.69 -18.24
CA THR A 22 6.20 18.23 -17.98
C THR A 22 5.45 18.48 -19.29
N ALA A 23 6.10 19.18 -20.23
CA ALA A 23 5.41 19.50 -21.47
C ALA A 23 4.94 18.25 -22.19
N ALA A 24 5.85 17.27 -22.38
CA ALA A 24 5.51 16.04 -23.11
C ALA A 24 4.41 15.25 -22.40
N TYR A 25 4.51 15.16 -21.09
CA TYR A 25 3.53 14.37 -20.33
C TYR A 25 2.15 15.00 -20.41
N LEU A 26 2.05 16.30 -20.15
CA LEU A 26 0.74 16.93 -20.16
C LEU A 26 0.18 16.98 -21.58
N GLY A 27 1.05 17.16 -22.58
CA GLY A 27 0.64 16.99 -23.97
C GLY A 27 -0.16 15.73 -24.19
N LYS A 28 0.33 14.62 -23.65
CA LYS A 28 -0.36 13.36 -23.81
C LYS A 28 -1.56 13.28 -22.84
N ALA A 29 -1.36 13.63 -21.55
CA ALA A 29 -2.40 13.46 -20.55
C ALA A 29 -3.64 14.27 -20.89
N LEU A 30 -3.46 15.45 -21.44
CA LEU A 30 -4.51 16.44 -21.63
C LEU A 30 -5.09 16.36 -23.04
N GLN A 31 -4.54 15.48 -23.87
CA GLN A 31 -5.17 15.01 -25.11
C GLN A 31 -5.47 16.17 -26.05
N ASN A 32 -4.54 17.11 -26.14
CA ASN A 32 -4.61 18.23 -27.07
C ASN A 32 -5.79 19.18 -26.80
N THR A 33 -6.30 19.21 -25.58
CA THR A 33 -7.40 20.12 -25.20
C THR A 33 -6.88 21.41 -24.57
N VAL A 34 -5.56 21.53 -24.41
CA VAL A 34 -4.92 22.59 -23.66
C VAL A 34 -3.68 23.04 -24.45
N LYS A 35 -3.54 24.36 -24.60
CA LYS A 35 -2.33 24.93 -25.16
C LYS A 35 -1.18 24.86 -24.16
N ILE A 36 -0.01 24.44 -24.64
CA ILE A 36 1.17 24.32 -23.79
C ILE A 36 2.32 25.16 -24.35
N VAL A 37 2.86 26.03 -23.50
CA VAL A 37 3.96 26.90 -23.85
C VAL A 37 5.10 26.60 -22.90
N VAL A 38 6.31 26.50 -23.43
CA VAL A 38 7.52 26.41 -22.63
C VAL A 38 8.32 27.67 -22.89
N LEU A 39 8.67 28.37 -21.81
CA LEU A 39 9.54 29.54 -21.90
C LEU A 39 10.91 29.17 -21.37
N GLU A 40 11.85 28.93 -22.27
CA GLU A 40 13.17 28.42 -21.91
C GLU A 40 14.24 29.41 -22.35
N ALA A 41 14.93 30.00 -21.37
CA ALA A 41 16.18 30.70 -21.58
C ALA A 41 17.15 29.81 -22.39
N PRO A 42 17.70 30.30 -23.49
CA PRO A 42 18.77 29.55 -24.18
C PRO A 42 20.07 29.66 -23.39
N THR A 43 20.71 28.50 -23.16
CA THR A 43 21.92 28.47 -22.33
C THR A 43 23.06 27.65 -22.95
N ILE A 44 24.23 27.86 -22.36
CA ILE A 44 25.55 27.37 -22.76
C ILE A 44 25.67 25.88 -22.39
N PRO A 45 25.65 24.96 -23.36
CA PRO A 45 25.52 23.53 -23.06
C PRO A 45 26.58 23.01 -22.08
N ARG A 46 26.14 22.61 -20.89
CA ARG A 46 27.03 22.13 -19.85
C ARG A 46 27.55 20.73 -20.15
N ILE A 47 28.73 20.41 -19.59
CA ILE A 47 29.24 19.04 -19.69
C ILE A 47 28.22 18.05 -19.12
N GLY A 48 28.16 16.86 -19.71
CA GLY A 48 27.15 15.89 -19.32
C GLY A 48 27.60 15.04 -18.15
N VAL A 49 27.12 15.37 -16.95
CA VAL A 49 27.67 14.76 -15.74
C VAL A 49 26.92 13.50 -15.34
N GLY A 50 25.89 13.13 -16.09
CA GLY A 50 25.28 11.83 -15.96
C GLY A 50 24.14 11.84 -14.96
N GLU A 51 23.07 11.15 -15.29
CA GLU A 51 21.92 10.98 -14.43
C GLU A 51 21.57 9.50 -14.30
N ALA A 52 21.17 9.10 -13.11
CA ALA A 52 20.69 7.75 -12.85
C ALA A 52 19.20 7.80 -12.50
N THR A 53 18.52 6.67 -12.68
CA THR A 53 17.06 6.57 -12.58
C THR A 53 16.66 5.30 -11.84
N VAL A 54 15.35 5.09 -11.72
CA VAL A 54 14.75 3.90 -11.12
C VAL A 54 13.90 3.19 -12.17
N PRO A 55 13.68 1.87 -12.01
CA PRO A 55 13.07 1.03 -13.08
C PRO A 55 11.75 1.48 -13.70
N ASN A 56 10.89 2.21 -12.99
N ASN A 56 10.90 2.21 -12.99
CA ASN A 56 9.57 2.50 -13.54
CA ASN A 56 9.57 2.52 -13.51
C ASN A 56 9.58 3.59 -14.61
C ASN A 56 9.60 3.55 -14.64
N LEU A 57 10.75 4.20 -14.88
CA LEU A 57 10.80 5.27 -15.86
C LEU A 57 10.26 4.89 -17.24
N GLN A 58 10.63 3.72 -17.76
CA GLN A 58 10.19 3.36 -19.10
C GLN A 58 8.67 3.16 -19.12
N ARG A 59 8.15 2.44 -18.13
CA ARG A 59 6.72 2.12 -18.10
C ARG A 59 5.90 3.38 -17.80
N ALA A 60 6.32 4.14 -16.79
CA ALA A 60 5.50 5.23 -16.30
C ALA A 60 5.54 6.43 -17.24
N PHE A 61 6.68 6.67 -17.90
CA PHE A 61 6.89 7.89 -18.68
C PHE A 61 7.00 7.60 -20.18
N PHE A 62 8.08 6.94 -20.64
CA PHE A 62 8.30 6.79 -22.08
C PHE A 62 7.20 5.94 -22.73
N ASP A 63 6.76 4.87 -22.06
CA ASP A 63 5.69 4.04 -22.61
C ASP A 63 4.39 4.81 -22.69
N TYR A 64 4.10 5.63 -21.66
CA TYR A 64 2.90 6.45 -21.66
C TYR A 64 2.88 7.38 -22.87
N LEU A 65 4.05 7.89 -23.27
CA LEU A 65 4.21 8.76 -24.43
C LEU A 65 4.33 7.97 -25.73
N GLY A 66 4.43 6.65 -25.64
CA GLY A 66 4.63 5.78 -26.80
C GLY A 66 6.01 5.86 -27.40
N ILE A 67 7.03 6.14 -26.60
CA ILE A 67 8.42 6.20 -27.03
C ILE A 67 9.11 4.89 -26.67
N PRO A 68 9.57 4.11 -27.65
CA PRO A 68 10.25 2.85 -27.32
C PRO A 68 11.59 3.09 -26.64
N GLU A 69 11.93 2.17 -25.73
CA GLU A 69 13.10 2.34 -24.87
C GLU A 69 14.35 2.57 -25.71
N GLU A 70 14.52 1.78 -26.77
CA GLU A 70 15.74 1.85 -27.55
C GLU A 70 15.84 3.17 -28.30
N GLU A 71 14.71 3.73 -28.74
CA GLU A 71 14.75 4.98 -29.49
C GLU A 71 15.35 6.09 -28.64
N TRP A 72 14.87 6.26 -27.40
CA TRP A 72 15.39 7.36 -26.58
C TRP A 72 16.78 7.03 -26.04
N MET A 73 17.06 5.76 -25.76
CA MET A 73 18.39 5.41 -25.23
C MET A 73 19.47 5.73 -26.26
N ARG A 74 19.18 5.47 -27.53
N ARG A 74 19.18 5.47 -27.53
CA ARG A 74 20.15 5.74 -28.58
CA ARG A 74 20.16 5.76 -28.58
C ARG A 74 20.39 7.25 -28.79
C ARG A 74 20.41 7.24 -28.74
N GLU A 75 19.50 8.10 -28.29
CA GLU A 75 19.64 9.54 -28.46
C GLU A 75 20.25 10.22 -27.24
N CYS A 76 20.58 9.48 -26.18
N CYS A 76 20.57 9.47 -26.19
CA CYS A 76 21.15 10.14 -25.01
CA CYS A 76 21.03 10.07 -24.95
C CYS A 76 22.27 9.32 -24.40
C CYS A 76 22.21 9.31 -24.36
N ASN A 77 22.97 8.53 -25.21
N ASN A 77 22.95 8.57 -25.21
CA ASN A 77 24.11 7.72 -24.77
CA ASN A 77 24.06 7.70 -24.81
C ASN A 77 23.76 6.87 -23.55
C ASN A 77 23.74 6.92 -23.54
N ALA A 78 22.54 6.35 -23.51
CA ALA A 78 22.07 5.69 -22.30
C ALA A 78 22.76 4.36 -22.07
N SER A 79 22.99 4.03 -20.79
CA SER A 79 23.48 2.72 -20.39
C SER A 79 22.54 2.13 -19.33
N TYR A 80 22.93 1.03 -18.69
CA TYR A 80 22.05 0.21 -17.85
C TYR A 80 22.47 0.27 -16.38
N LYS A 81 21.47 0.28 -15.49
CA LYS A 81 21.67 0.37 -14.04
C LYS A 81 20.90 -0.74 -13.30
N MET A 82 21.63 -1.60 -12.59
N MET A 82 21.63 -1.58 -12.57
CA MET A 82 20.98 -2.62 -11.77
CA MET A 82 20.99 -2.61 -11.78
C MET A 82 20.98 -2.29 -10.28
C MET A 82 21.02 -2.33 -10.28
N ALA A 83 21.70 -1.26 -9.84
CA ALA A 83 21.77 -0.92 -8.41
C ALA A 83 22.52 0.40 -8.26
N VAL A 84 22.51 0.91 -7.03
CA VAL A 84 23.55 1.81 -6.54
C VAL A 84 24.47 0.94 -5.72
N LYS A 85 25.76 1.07 -5.95
CA LYS A 85 26.79 0.29 -5.27
C LYS A 85 27.60 1.24 -4.39
N PHE A 86 27.60 0.98 -3.10
CA PHE A 86 28.24 1.85 -2.11
C PHE A 86 29.64 1.35 -1.79
N ILE A 87 30.61 2.24 -1.84
CA ILE A 87 32.01 1.87 -1.73
C ILE A 87 32.62 2.74 -0.64
N ASN A 88 33.18 2.08 0.38
CA ASN A 88 33.98 2.71 1.43
C ASN A 88 33.15 3.55 2.38
N TRP A 89 31.87 3.19 2.57
CA TRP A 89 30.98 3.90 3.47
C TRP A 89 31.14 3.45 4.93
N ARG A 90 31.96 2.42 5.17
CA ARG A 90 32.18 1.84 6.50
C ARG A 90 33.59 2.04 7.05
N THR A 91 34.59 2.30 6.17
CA THR A 91 36.03 2.34 6.48
C THR A 91 36.60 3.74 6.36
N PRO A 92 37.48 4.13 7.28
CA PRO A 92 38.10 5.47 7.25
C PRO A 92 39.11 5.65 6.11
N GLY A 93 39.29 6.90 5.67
CA GLY A 93 40.38 7.17 4.74
C GLY A 93 40.02 8.19 3.67
N GLU A 94 41.02 8.61 2.91
CA GLU A 94 40.80 9.34 1.66
C GLU A 94 39.82 8.63 0.74
N GLY A 95 39.20 9.40 -0.15
CA GLY A 95 38.39 8.84 -1.20
C GLY A 95 39.26 8.03 -2.16
N SER A 96 38.83 6.81 -2.45
CA SER A 96 39.49 5.97 -3.42
C SER A 96 38.41 5.21 -4.18
N PRO A 97 38.61 5.02 -5.47
CA PRO A 97 37.67 4.20 -6.26
C PRO A 97 37.70 2.75 -5.84
N ASP A 98 38.79 2.32 -5.23
CA ASP A 98 39.02 0.95 -4.82
C ASP A 98 38.52 0.71 -3.40
N PRO A 99 37.74 -0.34 -3.16
CA PRO A 99 37.24 -0.60 -1.79
C PRO A 99 38.30 -1.07 -0.80
N ARG A 100 38.27 -0.48 0.38
CA ARG A 100 39.14 -0.95 1.45
C ARG A 100 38.59 -2.27 2.00
N THR A 101 39.25 -2.83 3.01
CA THR A 101 38.84 -4.10 3.60
C THR A 101 38.41 -3.86 5.04
N LEU A 102 37.31 -4.48 5.42
CA LEU A 102 36.81 -4.35 6.79
C LEU A 102 37.68 -5.16 7.74
N ASP A 103 37.44 -4.95 9.04
CA ASP A 103 38.17 -5.67 10.08
C ASP A 103 37.92 -7.17 9.99
N ASP A 104 36.74 -7.54 9.49
CA ASP A 104 36.30 -8.92 9.45
C ASP A 104 36.72 -9.60 8.15
N GLY A 105 37.43 -8.87 7.27
CA GLY A 105 38.00 -9.40 6.05
C GLY A 105 37.17 -9.13 4.82
N HIS A 106 35.89 -8.79 4.97
CA HIS A 106 35.05 -8.43 3.83
C HIS A 106 35.54 -7.14 3.16
N THR A 107 35.25 -7.02 1.88
CA THR A 107 35.48 -5.79 1.13
C THR A 107 34.37 -4.79 1.45
N ASP A 108 34.73 -3.52 1.55
CA ASP A 108 33.75 -2.49 1.92
C ASP A 108 32.96 -2.02 0.70
N THR A 109 32.14 -2.94 0.16
CA THR A 109 31.12 -2.61 -0.84
C THR A 109 29.80 -3.25 -0.46
N PHE A 110 28.69 -2.57 -0.82
CA PHE A 110 27.40 -3.23 -0.72
C PHE A 110 26.45 -2.65 -1.76
N HIS A 111 25.50 -3.47 -2.21
CA HIS A 111 24.62 -3.11 -3.31
C HIS A 111 23.20 -2.84 -2.80
N HIS A 112 22.52 -1.95 -3.52
CA HIS A 112 21.10 -1.66 -3.38
C HIS A 112 20.44 -1.90 -4.73
N PRO A 113 20.09 -3.15 -5.03
CA PRO A 113 19.49 -3.49 -6.33
C PRO A 113 17.98 -3.30 -6.27
N PHE A 114 17.37 -3.40 -7.44
CA PHE A 114 15.93 -3.22 -7.62
C PHE A 114 15.00 -4.42 -7.43
N GLY A 115 15.48 -5.67 -7.44
CA GLY A 115 14.47 -6.69 -7.22
C GLY A 115 13.73 -6.69 -5.89
N LEU A 116 12.77 -7.58 -5.73
CA LEU A 116 11.95 -7.65 -4.53
C LEU A 116 12.28 -9.00 -3.96
N LEU A 117 12.32 -9.09 -2.67
CA LEU A 117 12.75 -10.35 -2.11
C LEU A 117 11.67 -11.43 -2.21
N PRO A 118 12.07 -12.66 -2.52
CA PRO A 118 11.14 -13.79 -2.37
C PRO A 118 10.86 -14.03 -0.89
N SER A 119 9.81 -14.76 -0.63
CA SER A 119 9.42 -15.06 0.74
C SER A 119 9.22 -16.56 0.88
N ALA A 120 9.27 -17.02 2.13
CA ALA A 120 8.96 -18.40 2.45
C ALA A 120 8.14 -18.35 3.72
N ASP A 121 6.95 -18.96 3.70
CA ASP A 121 6.04 -18.92 4.86
C ASP A 121 5.76 -17.47 5.27
N GLN A 122 5.58 -16.64 4.25
CA GLN A 122 5.17 -15.25 4.35
C GLN A 122 6.23 -14.40 5.06
N ILE A 123 7.49 -14.83 5.02
CA ILE A 123 8.61 -14.14 5.66
C ILE A 123 9.67 -13.87 4.61
N PRO A 124 10.10 -12.61 4.43
CA PRO A 124 11.05 -12.29 3.36
C PRO A 124 12.38 -13.01 3.55
N LEU A 125 13.03 -13.30 2.42
CA LEU A 125 14.33 -13.95 2.44
C LEU A 125 15.32 -13.21 3.34
N SER A 126 15.21 -11.87 3.40
CA SER A 126 16.11 -11.04 4.23
C SER A 126 16.20 -11.61 5.65
N HIS A 127 15.08 -12.05 6.20
CA HIS A 127 14.99 -12.44 7.59
C HIS A 127 15.67 -13.78 7.84
N TYR A 128 15.60 -14.68 6.86
CA TYR A 128 16.30 -15.95 6.94
C TYR A 128 17.80 -15.72 6.84
N TRP A 129 18.22 -14.81 5.96
CA TRP A 129 19.62 -14.43 5.87
C TRP A 129 20.11 -13.87 7.21
N ALA A 130 19.31 -13.00 7.83
CA ALA A 130 19.76 -12.36 9.07
C ALA A 130 19.92 -13.37 10.19
N ALA A 131 19.03 -14.37 10.22
CA ALA A 131 19.12 -15.41 11.25
C ALA A 131 20.42 -16.20 11.09
N LYS A 132 20.73 -16.61 9.86
CA LYS A 132 21.99 -17.31 9.57
C LYS A 132 23.19 -16.43 9.90
N ARG A 133 23.16 -15.15 9.53
CA ARG A 133 24.36 -14.34 9.72
C ARG A 133 24.60 -14.15 11.21
N LEU A 134 23.52 -13.92 11.96
CA LEU A 134 23.59 -13.67 13.40
C LEU A 134 24.04 -14.93 14.11
N GLN A 135 23.72 -16.09 13.55
CA GLN A 135 24.03 -17.35 14.20
C GLN A 135 25.35 -17.92 13.71
N GLY A 136 26.05 -17.19 12.86
CA GLY A 136 27.31 -17.65 12.30
C GLY A 136 27.18 -18.81 11.35
N GLU A 137 26.00 -19.01 10.77
CA GLU A 137 25.75 -20.09 9.83
C GLU A 137 26.06 -19.69 8.39
N THR A 138 26.27 -18.41 8.15
CA THR A 138 26.72 -17.94 6.85
C THR A 138 27.71 -16.81 7.03
N ASP A 139 28.61 -16.68 6.06
CA ASP A 139 29.46 -15.50 6.00
C ASP A 139 29.15 -14.65 4.77
N GLU A 140 28.10 -15.00 4.05
CA GLU A 140 27.65 -14.20 2.91
C GLU A 140 27.05 -12.87 3.37
N ASN A 141 27.27 -11.85 2.55
CA ASN A 141 26.59 -10.58 2.74
C ASN A 141 25.14 -10.66 2.31
N PHE A 142 24.32 -9.77 2.89
CA PHE A 142 22.92 -9.73 2.52
C PHE A 142 22.70 -9.65 1.01
N ASP A 143 23.40 -8.73 0.33
CA ASP A 143 23.12 -8.51 -1.10
C ASP A 143 23.44 -9.75 -1.94
N GLU A 144 24.59 -10.40 -1.71
CA GLU A 144 24.95 -11.58 -2.51
C GLU A 144 24.05 -12.78 -2.20
N ALA A 145 23.60 -12.90 -0.96
CA ALA A 145 22.79 -14.06 -0.62
C ALA A 145 21.38 -13.93 -1.19
N CYS A 146 20.86 -12.72 -1.32
CA CYS A 146 19.45 -12.51 -1.55
C CYS A 146 19.11 -12.02 -2.96
N PHE A 147 20.08 -11.53 -3.74
CA PHE A 147 19.80 -11.03 -5.08
C PHE A 147 20.77 -11.68 -6.06
N ALA A 148 20.25 -12.44 -7.02
CA ALA A 148 21.12 -12.92 -8.10
C ALA A 148 21.81 -11.79 -8.84
N ASP A 149 21.19 -10.60 -8.89
N ASP A 149 21.18 -10.60 -8.91
CA ASP A 149 21.78 -9.46 -9.58
CA ASP A 149 21.79 -9.47 -9.60
C ASP A 149 23.15 -9.09 -9.03
C ASP A 149 23.15 -9.10 -9.04
N THR A 150 23.41 -9.41 -7.76
CA THR A 150 24.70 -9.09 -7.16
C THR A 150 25.82 -9.75 -7.95
N ALA A 151 25.63 -11.03 -8.30
CA ALA A 151 26.66 -11.78 -9.03
C ALA A 151 26.82 -11.19 -10.43
N ILE A 152 25.69 -10.87 -11.06
CA ILE A 152 25.71 -10.34 -12.43
C ILE A 152 26.48 -9.03 -12.45
N MET A 153 26.24 -8.18 -11.46
CA MET A 153 26.94 -6.90 -11.37
C MET A 153 28.43 -7.13 -11.17
N ASN A 154 28.80 -8.05 -10.25
CA ASN A 154 30.19 -8.33 -9.98
C ASN A 154 30.94 -8.71 -11.26
N ALA A 155 30.27 -9.39 -12.18
CA ALA A 155 30.86 -9.76 -13.46
C ALA A 155 30.55 -8.76 -14.58
N LYS A 156 29.93 -7.62 -14.25
CA LYS A 156 29.63 -6.55 -15.21
C LYS A 156 28.85 -7.07 -16.43
N LYS A 157 27.94 -8.01 -16.20
CA LYS A 157 27.13 -8.53 -17.30
C LYS A 157 25.87 -7.66 -17.47
N ALA A 158 25.27 -7.75 -18.66
CA ALA A 158 24.11 -6.94 -19.01
C ALA A 158 22.83 -7.45 -18.35
N PRO A 159 21.82 -6.57 -18.21
CA PRO A 159 20.51 -7.02 -17.74
C PRO A 159 19.67 -7.66 -18.82
N ARG A 160 20.07 -7.56 -20.09
CA ARG A 160 19.42 -8.28 -21.17
C ARG A 160 20.42 -9.17 -21.90
N PHE A 161 19.89 -10.18 -22.57
CA PHE A 161 20.65 -10.96 -23.53
C PHE A 161 20.80 -10.15 -24.83
N LEU A 162 21.58 -10.70 -25.77
CA LEU A 162 21.87 -9.97 -27.01
C LEU A 162 20.68 -9.93 -27.95
N ASP A 163 19.72 -10.82 -27.77
CA ASP A 163 18.48 -10.78 -28.52
C ASP A 163 17.44 -9.93 -27.81
N MET A 164 17.84 -9.23 -26.74
CA MET A 164 17.07 -8.26 -25.97
C MET A 164 16.04 -8.92 -25.06
N ARG A 165 16.12 -10.23 -24.91
CA ARG A 165 15.37 -10.91 -23.86
C ARG A 165 15.78 -10.39 -22.48
N ARG A 166 14.79 -10.09 -21.64
CA ARG A 166 15.09 -9.59 -20.30
C ARG A 166 15.63 -10.69 -19.41
N ALA A 167 16.67 -10.36 -18.64
CA ALA A 167 17.20 -11.25 -17.62
C ALA A 167 16.88 -10.76 -16.22
N THR A 168 16.90 -9.46 -16.00
CA THR A 168 16.60 -8.95 -14.67
C THR A 168 15.91 -7.59 -14.78
N ASN A 169 15.47 -7.09 -13.64
CA ASN A 169 15.06 -5.70 -13.53
C ASN A 169 16.27 -4.77 -13.69
N TYR A 170 16.05 -3.59 -14.28
CA TYR A 170 17.08 -2.56 -14.35
C TYR A 170 16.46 -1.19 -14.57
N ALA A 171 17.32 -0.16 -14.42
CA ALA A 171 16.98 1.19 -14.81
C ALA A 171 18.06 1.76 -15.73
N TRP A 172 18.24 3.09 -15.73
CA TRP A 172 19.01 3.76 -16.79
C TRP A 172 19.96 4.80 -16.24
N HIS A 173 21.10 4.92 -16.92
CA HIS A 173 22.01 6.05 -16.87
C HIS A 173 21.87 6.82 -18.18
N PHE A 174 21.92 8.16 -18.13
CA PHE A 174 21.88 8.89 -19.39
C PHE A 174 22.38 10.31 -19.19
N ASP A 175 22.66 10.94 -20.32
CA ASP A 175 22.97 12.37 -20.37
C ASP A 175 21.68 13.17 -20.33
N ALA A 176 21.46 13.89 -19.23
CA ALA A 176 20.21 14.59 -19.03
C ALA A 176 19.94 15.64 -20.11
N SER A 177 20.98 16.35 -20.54
CA SER A 177 20.72 17.38 -21.54
C SER A 177 20.29 16.77 -22.87
N LYS A 178 20.74 15.56 -23.15
CA LYS A 178 20.36 14.85 -24.37
C LYS A 178 18.91 14.38 -24.27
N VAL A 179 18.51 13.91 -23.10
CA VAL A 179 17.11 13.51 -22.90
C VAL A 179 16.20 14.74 -23.02
N ALA A 180 16.60 15.86 -22.40
CA ALA A 180 15.84 17.10 -22.53
C ALA A 180 15.68 17.47 -24.00
N ALA A 181 16.79 17.53 -24.74
CA ALA A 181 16.72 17.89 -26.15
C ALA A 181 15.80 16.93 -26.90
N PHE A 182 15.85 15.65 -26.55
CA PHE A 182 15.04 14.65 -27.24
C PHE A 182 13.56 14.90 -26.96
N LEU A 183 13.21 15.12 -25.70
CA LEU A 183 11.83 15.39 -25.32
C LEU A 183 11.34 16.72 -25.89
N ARG A 184 12.20 17.75 -25.91
N ARG A 184 12.21 17.75 -25.90
CA ARG A 184 11.84 19.01 -26.54
CA ARG A 184 11.88 19.01 -26.55
C ARG A 184 11.46 18.80 -28.01
C ARG A 184 11.47 18.81 -28.00
N ASN A 185 12.31 18.07 -28.75
CA ASN A 185 11.96 17.70 -30.13
C ASN A 185 10.65 16.93 -30.21
N PHE A 186 10.45 15.98 -29.30
CA PHE A 186 9.20 15.23 -29.31
C PHE A 186 8.02 16.16 -29.12
N ALA A 187 8.07 17.02 -28.09
CA ALA A 187 6.91 17.81 -27.71
C ALA A 187 6.58 18.84 -28.80
N VAL A 188 7.62 19.46 -29.39
CA VAL A 188 7.40 20.49 -30.40
C VAL A 188 6.85 19.88 -31.69
N THR A 189 7.52 18.83 -32.20
CA THR A 189 7.12 18.32 -33.51
C THR A 189 5.90 17.41 -33.41
N LYS A 190 5.81 16.59 -32.36
CA LYS A 190 4.76 15.59 -32.30
C LYS A 190 3.58 16.02 -31.42
N GLN A 191 3.70 17.15 -30.70
CA GLN A 191 2.67 17.49 -29.71
C GLN A 191 2.27 18.96 -29.67
N ALA A 192 2.66 19.77 -30.65
CA ALA A 192 2.19 21.16 -30.77
C ALA A 192 2.52 22.01 -29.54
N VAL A 193 3.64 21.77 -28.88
CA VAL A 193 4.09 22.67 -27.84
C VAL A 193 4.74 23.89 -28.46
N GLU A 194 4.44 25.08 -27.95
CA GLU A 194 5.11 26.27 -28.44
C GLU A 194 6.35 26.45 -27.57
N HIS A 195 7.50 26.64 -28.19
CA HIS A 195 8.76 26.86 -27.49
C HIS A 195 9.10 28.33 -27.68
N VAL A 196 9.25 29.05 -26.58
CA VAL A 196 9.66 30.45 -26.63
C VAL A 196 11.03 30.55 -26.00
N GLU A 197 12.03 30.84 -26.85
CA GLU A 197 13.42 30.88 -26.41
C GLU A 197 13.70 32.29 -25.96
N ASP A 198 13.54 32.53 -24.67
CA ASP A 198 13.66 33.88 -24.17
C ASP A 198 13.80 33.80 -22.66
N GLU A 199 14.14 34.94 -22.09
CA GLU A 199 14.19 35.07 -20.65
C GLU A 199 12.92 35.76 -20.13
N MET A 200 12.51 35.36 -18.94
N MET A 200 12.51 35.36 -18.94
CA MET A 200 11.37 35.97 -18.26
CA MET A 200 11.37 35.99 -18.29
C MET A 200 11.85 37.25 -17.55
C MET A 200 11.83 37.24 -17.55
N THR A 201 11.08 38.33 -17.70
CA THR A 201 11.36 39.58 -17.00
C THR A 201 10.29 39.98 -15.98
N GLU A 202 9.01 39.64 -16.19
CA GLU A 202 7.92 40.02 -15.28
C GLU A 202 6.95 38.86 -15.08
N VAL A 203 6.38 38.83 -13.89
CA VAL A 203 5.29 37.93 -13.54
C VAL A 203 4.09 38.78 -13.18
N LEU A 204 3.04 38.69 -14.00
CA LEU A 204 1.87 39.55 -13.87
C LEU A 204 0.81 38.77 -13.09
N THR A 205 0.22 39.44 -12.09
CA THR A 205 -0.73 38.81 -11.19
C THR A 205 -2.01 39.61 -11.03
N ASP A 206 -3.12 38.90 -10.79
CA ASP A 206 -4.39 39.53 -10.44
C ASP A 206 -4.43 39.89 -8.94
N GLU A 207 -5.59 40.42 -8.51
CA GLU A 207 -5.78 40.94 -7.15
C GLU A 207 -5.51 39.86 -6.10
N ARG A 208 -5.80 38.60 -6.40
CA ARG A 208 -5.63 37.50 -5.46
C ARG A 208 -4.22 36.93 -5.48
N GLY A 209 -3.37 37.39 -6.39
CA GLY A 209 -2.03 36.87 -6.49
C GLY A 209 -1.90 35.66 -7.40
N PHE A 210 -2.92 35.38 -8.21
CA PHE A 210 -2.82 34.35 -9.23
C PHE A 210 -2.07 34.93 -10.42
N ILE A 211 -1.20 34.11 -11.01
CA ILE A 211 -0.47 34.54 -12.19
C ILE A 211 -1.40 34.60 -13.38
N THR A 212 -1.31 35.70 -14.14
CA THR A 212 -2.09 35.88 -15.36
C THR A 212 -1.23 35.76 -16.60
N ALA A 213 0.06 36.08 -16.52
CA ALA A 213 0.94 36.11 -17.69
C ALA A 213 2.39 36.25 -17.22
N LEU A 214 3.31 35.87 -18.10
CA LEU A 214 4.72 36.20 -17.97
C LEU A 214 5.14 37.16 -19.09
N ARG A 215 5.90 38.20 -18.76
CA ARG A 215 6.59 38.98 -19.79
C ARG A 215 7.98 38.40 -20.05
N THR A 216 8.33 38.28 -21.34
CA THR A 216 9.69 37.93 -21.78
C THR A 216 10.57 39.17 -21.96
N LYS A 217 11.89 38.93 -21.98
CA LYS A 217 12.85 40.02 -22.20
C LYS A 217 12.65 40.74 -23.53
N SER A 218 12.02 40.11 -24.51
CA SER A 218 11.75 40.74 -25.79
C SER A 218 10.46 41.55 -25.78
N GLY A 219 9.72 41.58 -24.67
CA GLY A 219 8.50 42.35 -24.57
C GLY A 219 7.22 41.56 -24.69
N ARG A 220 7.29 40.37 -25.29
CA ARG A 220 6.12 39.53 -25.50
C ARG A 220 5.48 39.11 -24.18
N ILE A 221 4.14 39.11 -24.14
CA ILE A 221 3.42 38.71 -22.95
C ILE A 221 2.81 37.35 -23.26
N LEU A 222 3.07 36.39 -22.40
CA LEU A 222 2.54 35.04 -22.52
C LEU A 222 1.47 34.85 -21.45
N GLN A 223 0.23 34.86 -21.89
CA GLN A 223 -0.92 34.66 -21.03
C GLN A 223 -1.11 33.18 -20.73
N GLY A 224 -1.60 32.89 -19.51
CA GLY A 224 -1.91 31.51 -19.21
C GLY A 224 -2.86 31.42 -18.04
N ASP A 225 -3.32 30.19 -17.80
CA ASP A 225 -4.26 29.89 -16.72
C ASP A 225 -3.63 29.04 -15.63
N LEU A 226 -2.63 28.21 -15.98
CA LEU A 226 -1.88 27.41 -15.03
C LEU A 226 -0.41 27.55 -15.38
N PHE A 227 0.42 27.72 -14.36
CA PHE A 227 1.84 27.97 -14.58
C PHE A 227 2.63 26.90 -13.85
N VAL A 228 3.57 26.28 -14.55
CA VAL A 228 4.42 25.27 -13.94
C VAL A 228 5.82 25.87 -13.80
N ASP A 229 6.27 25.98 -12.56
CA ASP A 229 7.61 26.46 -12.25
C ASP A 229 8.63 25.34 -12.36
N CYS A 230 9.34 25.30 -13.48
CA CYS A 230 10.49 24.43 -13.66
C CYS A 230 11.74 25.26 -13.79
N SER A 231 11.84 26.34 -13.02
CA SER A 231 12.98 27.24 -13.21
C SER A 231 14.21 26.78 -12.43
N GLY A 232 14.14 25.61 -11.75
CA GLY A 232 15.22 25.14 -10.89
C GLY A 232 15.31 25.81 -9.53
N PHE A 233 16.54 25.84 -9.01
CA PHE A 233 16.73 26.20 -7.60
C PHE A 233 16.26 27.60 -7.30
N ARG A 234 16.29 28.50 -8.30
CA ARG A 234 15.83 29.86 -8.09
C ARG A 234 14.35 29.95 -7.77
N GLY A 235 13.54 29.03 -8.32
CA GLY A 235 12.09 29.04 -8.11
C GLY A 235 11.47 30.39 -8.40
N LEU A 236 11.68 30.85 -9.64
CA LEU A 236 11.33 32.21 -10.03
C LEU A 236 9.86 32.51 -9.83
N LEU A 237 8.99 31.50 -10.00
CA LEU A 237 7.55 31.70 -9.76
C LEU A 237 7.22 31.36 -8.30
N ILE A 238 7.45 30.11 -7.88
CA ILE A 238 6.94 29.66 -6.59
C ILE A 238 7.61 30.40 -5.44
N ASN A 239 8.93 30.64 -5.53
CA ASN A 239 9.58 31.25 -4.37
C ASN A 239 9.66 32.77 -4.51
N LYS A 240 10.14 33.25 -5.65
CA LYS A 240 10.35 34.67 -5.87
C LYS A 240 9.01 35.40 -6.07
N ALA A 241 8.27 35.10 -7.14
CA ALA A 241 7.03 35.81 -7.45
C ALA A 241 5.95 35.52 -6.41
N MET A 242 5.68 34.22 -6.14
CA MET A 242 4.61 33.83 -5.23
C MET A 242 5.04 33.90 -3.76
N GLU A 243 6.32 34.02 -3.47
CA GLU A 243 6.80 34.26 -2.11
C GLU A 243 6.51 33.07 -1.20
N GLU A 244 6.45 31.87 -1.77
CA GLU A 244 6.25 30.70 -0.92
C GLU A 244 7.58 30.32 -0.27
N PRO A 245 7.62 30.17 1.04
CA PRO A 245 8.88 29.83 1.70
C PRO A 245 9.37 28.41 1.39
N PHE A 246 10.68 28.32 1.19
CA PHE A 246 11.42 27.07 1.08
C PHE A 246 11.83 26.62 2.48
N ILE A 247 11.51 25.37 2.83
CA ILE A 247 11.93 24.81 4.11
C ILE A 247 13.30 24.18 3.92
N ASP A 248 14.34 24.85 4.43
CA ASP A 248 15.69 24.31 4.37
C ASP A 248 15.78 23.11 5.31
N MET A 249 16.36 22.02 4.84
CA MET A 249 16.37 20.82 5.66
C MET A 249 17.78 20.28 5.80
N SER A 250 18.73 21.22 5.89
CA SER A 250 20.14 20.92 6.13
C SER A 250 20.36 20.46 7.56
N ASP A 251 19.32 20.49 8.40
CA ASP A 251 19.41 19.88 9.71
C ASP A 251 19.07 18.39 9.63
N HIS A 252 18.86 17.87 8.43
CA HIS A 252 18.73 16.44 8.13
C HIS A 252 19.83 15.90 7.24
N LEU A 253 20.30 16.70 6.26
CA LEU A 253 21.31 16.29 5.28
C LEU A 253 22.28 17.45 5.12
N LEU A 254 23.56 17.20 5.37
CA LEU A 254 24.57 18.27 5.47
C LEU A 254 25.13 18.73 4.13
N CYS A 255 25.13 17.87 3.12
CA CYS A 255 25.79 18.20 1.87
C CYS A 255 25.04 19.32 1.14
N ASN A 256 25.80 20.19 0.48
CA ASN A 256 25.23 21.38 -0.14
C ASN A 256 25.95 21.81 -1.41
N SER A 257 26.95 21.07 -1.88
CA SER A 257 27.72 21.51 -3.03
C SER A 257 28.10 20.28 -3.85
N ALA A 258 28.44 20.52 -5.10
CA ALA A 258 28.94 19.43 -5.92
C ALA A 258 29.90 20.02 -6.95
N VAL A 259 30.97 19.28 -7.23
CA VAL A 259 31.85 19.55 -8.37
C VAL A 259 31.85 18.29 -9.22
N ALA A 260 31.64 18.45 -10.53
CA ALA A 260 31.40 17.31 -11.40
C ALA A 260 32.09 17.52 -12.74
N THR A 261 32.28 16.42 -13.46
CA THR A 261 32.75 16.42 -14.83
C THR A 261 32.37 15.09 -15.48
N ALA A 262 32.64 14.97 -16.78
CA ALA A 262 32.60 13.71 -17.49
C ALA A 262 34.02 13.25 -17.77
N VAL A 263 34.25 11.95 -17.68
CA VAL A 263 35.60 11.40 -17.78
C VAL A 263 35.58 10.40 -18.91
N PRO A 264 36.40 10.58 -19.96
CA PRO A 264 36.43 9.59 -21.05
C PRO A 264 36.89 8.26 -20.48
N HIS A 265 36.42 7.19 -21.08
CA HIS A 265 36.55 5.88 -20.45
C HIS A 265 36.76 4.79 -21.50
N ASP A 266 37.79 4.00 -21.27
CA ASP A 266 38.15 2.87 -22.11
C ASP A 266 37.24 1.69 -21.79
N ASP A 267 36.11 1.62 -22.49
CA ASP A 267 35.12 0.58 -22.22
C ASP A 267 35.67 -0.79 -22.61
N GLU A 268 36.23 -0.90 -23.82
CA GLU A 268 36.80 -2.16 -24.29
C GLU A 268 37.80 -2.73 -23.28
N LYS A 269 38.64 -1.86 -22.71
CA LYS A 269 39.67 -2.33 -21.78
C LYS A 269 39.04 -2.71 -20.45
N ASN A 270 38.23 -1.82 -19.87
CA ASN A 270 37.78 -1.94 -18.48
C ASN A 270 36.40 -2.57 -18.35
N GLY A 271 35.64 -2.70 -19.43
CA GLY A 271 34.22 -3.04 -19.32
C GLY A 271 33.41 -1.84 -18.91
N VAL A 272 32.10 -2.02 -18.84
CA VAL A 272 31.21 -0.96 -18.37
C VAL A 272 30.42 -1.51 -17.18
N GLU A 273 30.43 -0.79 -16.05
CA GLU A 273 29.65 -1.25 -14.90
C GLU A 273 28.15 -1.02 -15.11
N PRO A 274 27.34 -2.06 -14.99
CA PRO A 274 25.88 -1.88 -15.03
C PRO A 274 25.29 -1.41 -13.70
N TYR A 275 25.87 -0.34 -13.15
CA TYR A 275 25.41 0.23 -11.90
C TYR A 275 26.04 1.60 -11.69
N THR A 276 25.41 2.33 -10.78
CA THR A 276 25.88 3.62 -10.29
C THR A 276 26.66 3.35 -9.01
N SER A 277 27.80 4.01 -8.87
CA SER A 277 28.63 3.84 -7.68
C SER A 277 28.55 5.12 -6.86
N SER A 278 28.39 4.95 -5.55
CA SER A 278 28.51 6.04 -4.58
C SER A 278 29.79 5.79 -3.81
N ILE A 279 30.81 6.57 -4.13
CA ILE A 279 32.17 6.42 -3.60
C ILE A 279 32.34 7.38 -2.43
N ALA A 280 32.44 6.83 -1.21
CA ALA A 280 32.59 7.66 -0.03
C ALA A 280 33.89 8.47 -0.04
N MET A 281 33.81 9.72 0.43
CA MET A 281 34.90 10.68 0.49
C MET A 281 35.02 11.22 1.91
N GLU A 282 35.99 12.12 2.13
CA GLU A 282 36.21 12.62 3.48
C GLU A 282 35.12 13.60 3.89
N ALA A 283 34.55 14.34 2.93
CA ALA A 283 33.55 15.35 3.26
C ALA A 283 32.34 15.21 2.36
N GLY A 284 31.96 13.96 2.06
CA GLY A 284 30.83 13.64 1.21
C GLY A 284 31.01 12.35 0.42
N TRP A 285 30.68 12.37 -0.86
CA TRP A 285 30.72 11.15 -1.66
C TRP A 285 30.72 11.55 -3.13
N THR A 286 31.12 10.62 -3.97
CA THR A 286 31.27 10.87 -5.39
C THR A 286 30.45 9.85 -6.16
N TRP A 287 29.62 10.33 -7.08
CA TRP A 287 28.88 9.42 -7.96
C TRP A 287 29.76 9.02 -9.13
N LYS A 288 29.48 7.85 -9.67
CA LYS A 288 30.04 7.39 -10.94
C LYS A 288 28.90 6.75 -11.72
N ILE A 289 28.68 7.27 -12.93
CA ILE A 289 27.52 6.92 -13.75
C ILE A 289 28.03 6.56 -15.14
N PRO A 290 28.36 5.28 -15.36
CA PRO A 290 28.87 4.84 -16.66
C PRO A 290 27.91 5.02 -17.82
N MET A 291 28.40 5.63 -18.89
CA MET A 291 27.73 5.66 -20.18
C MET A 291 28.68 5.06 -21.23
N LEU A 292 28.25 5.09 -22.47
CA LEU A 292 29.08 4.55 -23.56
C LEU A 292 30.26 5.50 -23.81
N GLY A 293 31.46 5.06 -23.42
CA GLY A 293 32.68 5.81 -23.69
C GLY A 293 33.10 6.79 -22.61
N ARG A 294 32.23 7.09 -21.66
CA ARG A 294 32.56 8.06 -20.62
C ARG A 294 31.75 7.68 -19.38
N PHE A 295 32.19 8.13 -18.22
CA PHE A 295 31.34 8.12 -17.05
C PHE A 295 31.15 9.54 -16.54
N GLY A 296 29.92 9.84 -16.12
CA GLY A 296 29.70 11.05 -15.36
C GLY A 296 30.15 10.85 -13.93
N SER A 297 30.74 11.90 -13.35
CA SER A 297 31.12 11.78 -11.96
C SER A 297 30.97 13.14 -11.29
N GLY A 298 30.60 13.12 -10.03
CA GLY A 298 30.45 14.33 -9.25
C GLY A 298 30.66 14.10 -7.76
N HIS A 299 31.49 14.91 -7.13
CA HIS A 299 31.72 14.81 -5.68
C HIS A 299 30.72 15.72 -4.97
N VAL A 300 29.79 15.11 -4.24
CA VAL A 300 28.82 15.83 -3.42
C VAL A 300 29.47 16.07 -2.05
N TYR A 301 29.42 17.30 -1.54
CA TYR A 301 30.16 17.65 -0.32
C TYR A 301 29.43 18.76 0.45
N SER A 302 29.71 18.85 1.74
CA SER A 302 29.35 20.04 2.54
C SER A 302 30.47 21.07 2.48
N ASP A 303 30.11 22.30 2.09
CA ASP A 303 31.15 23.32 2.07
C ASP A 303 31.42 23.92 3.44
N HIS A 304 30.67 23.48 4.46
CA HIS A 304 31.05 23.65 5.86
C HIS A 304 32.26 22.80 6.25
N PHE A 305 32.57 21.75 5.48
CA PHE A 305 33.60 20.80 5.90
C PHE A 305 34.67 20.65 4.84
N ALA A 306 34.52 21.33 3.71
CA ALA A 306 35.56 21.32 2.69
C ALA A 306 35.36 22.53 1.81
N THR A 307 36.46 23.17 1.45
CA THR A 307 36.41 24.27 0.51
C THR A 307 36.25 23.72 -0.90
N GLN A 308 35.73 24.56 -1.80
CA GLN A 308 35.62 24.14 -3.19
C GLN A 308 36.96 23.64 -3.73
N ASP A 309 38.05 24.33 -3.38
N ASP A 309 38.05 24.33 -3.39
CA ASP A 309 39.37 23.87 -3.82
CA ASP A 309 39.38 23.88 -3.81
C ASP A 309 39.71 22.52 -3.22
C ASP A 309 39.70 22.51 -3.22
N GLU A 310 39.47 22.35 -1.92
CA GLU A 310 39.66 21.05 -1.27
C GLU A 310 38.87 19.96 -1.98
N ALA A 311 37.56 20.18 -2.15
CA ALA A 311 36.70 19.18 -2.80
C ALA A 311 37.15 18.90 -4.23
N THR A 312 37.56 19.94 -4.98
CA THR A 312 37.97 19.73 -6.36
C THR A 312 39.27 18.94 -6.42
N LEU A 313 40.16 19.16 -5.46
CA LEU A 313 41.42 18.43 -5.46
C LEU A 313 41.15 16.96 -5.14
N ALA A 314 40.37 16.72 -4.08
CA ALA A 314 40.06 15.34 -3.70
C ALA A 314 39.33 14.63 -4.83
N PHE A 315 38.42 15.33 -5.50
CA PHE A 315 37.68 14.74 -6.62
C PHE A 315 38.63 14.41 -7.77
N SER A 316 39.51 15.35 -8.12
CA SER A 316 40.52 15.10 -9.15
C SER A 316 41.43 13.94 -8.79
N LYS A 317 41.87 13.86 -7.53
CA LYS A 317 42.74 12.77 -7.09
C LYS A 317 42.08 11.42 -7.25
N LEU A 318 40.78 11.36 -6.96
CA LEU A 318 40.00 10.14 -7.13
C LEU A 318 40.29 9.49 -8.49
N TRP A 319 40.23 10.27 -9.57
CA TRP A 319 40.26 9.75 -10.93
C TRP A 319 41.60 10.01 -11.62
N GLY A 320 42.56 10.60 -10.91
CA GLY A 320 43.84 11.04 -11.43
C GLY A 320 43.68 12.02 -12.57
N LEU A 321 42.94 13.07 -12.27
CA LEU A 321 42.70 14.17 -13.16
C LEU A 321 43.70 15.28 -12.83
N ASP A 322 43.99 16.09 -13.85
CA ASP A 322 44.73 17.34 -13.70
C ASP A 322 43.71 18.40 -13.31
N PRO A 323 43.68 18.86 -12.06
CA PRO A 323 42.70 19.88 -11.67
C PRO A 323 42.87 21.20 -12.39
N ASP A 324 44.07 21.47 -12.91
CA ASP A 324 44.33 22.69 -13.67
C ASP A 324 43.91 22.57 -15.13
N ASN A 325 43.76 21.35 -15.64
CA ASN A 325 43.48 21.08 -17.04
C ASN A 325 42.24 20.21 -17.21
N THR A 326 41.24 20.37 -16.35
CA THR A 326 40.02 19.58 -16.38
C THR A 326 38.84 20.54 -16.31
N GLU A 327 37.80 20.25 -17.09
CA GLU A 327 36.58 21.08 -17.17
C GLU A 327 35.59 20.62 -16.10
N PHE A 328 35.37 21.46 -15.10
CA PHE A 328 34.53 21.17 -13.95
C PHE A 328 33.29 22.05 -13.96
N ASN A 329 32.17 21.49 -13.49
CA ASN A 329 30.97 22.24 -13.16
C ASN A 329 30.84 22.27 -11.65
N HIS A 330 30.61 23.46 -11.10
CA HIS A 330 30.38 23.65 -9.67
C HIS A 330 28.96 24.18 -9.42
N VAL A 331 28.32 23.67 -8.39
CA VAL A 331 26.93 24.01 -8.06
C VAL A 331 26.78 24.03 -6.55
N ARG A 332 26.00 24.98 -6.05
N ARG A 332 26.03 25.00 -6.05
CA ARG A 332 25.60 25.01 -4.64
CA ARG A 332 25.59 25.03 -4.66
C ARG A 332 24.10 24.82 -4.58
C ARG A 332 24.09 24.77 -4.65
N PHE A 333 23.66 23.77 -3.88
CA PHE A 333 22.25 23.43 -3.81
C PHE A 333 21.63 23.76 -2.45
N ARG A 334 20.34 24.01 -2.53
CA ARG A 334 19.37 23.96 -1.44
C ARG A 334 18.80 22.56 -1.26
N VAL A 335 18.75 22.13 -0.01
CA VAL A 335 18.22 20.84 0.41
C VAL A 335 17.00 21.04 1.31
N GLY A 336 15.87 20.57 0.84
CA GLY A 336 14.58 20.77 1.45
C GLY A 336 13.52 20.86 0.36
N ARG A 337 12.37 21.41 0.75
CA ARG A 337 11.21 21.56 -0.11
C ARG A 337 10.43 22.82 0.26
N ASN A 338 9.68 23.33 -0.71
CA ASN A 338 8.75 24.40 -0.41
C ASN A 338 7.73 23.97 0.65
N ARG A 339 7.23 24.97 1.38
CA ARG A 339 6.16 24.74 2.34
C ARG A 339 4.95 24.11 1.65
N ARG A 340 4.63 24.58 0.44
CA ARG A 340 3.64 23.96 -0.42
C ARG A 340 4.21 23.92 -1.83
N ALA A 341 4.00 22.81 -2.53
CA ALA A 341 4.56 22.66 -3.87
C ALA A 341 3.74 23.45 -4.89
N TRP A 342 2.45 23.56 -4.65
CA TRP A 342 1.46 24.19 -5.52
C TRP A 342 0.75 25.27 -4.74
N VAL A 343 0.88 26.51 -5.20
CA VAL A 343 0.22 27.64 -4.58
C VAL A 343 -0.55 28.38 -5.67
N ARG A 344 -1.83 28.64 -5.39
CA ARG A 344 -2.72 29.36 -6.28
C ARG A 344 -2.76 28.61 -7.62
N ASN A 345 -2.25 29.19 -8.70
CA ASN A 345 -2.22 28.54 -10.01
C ASN A 345 -0.77 28.32 -10.45
N CYS A 346 0.12 28.18 -9.49
CA CYS A 346 1.53 27.94 -9.75
C CYS A 346 1.94 26.59 -9.15
N VAL A 347 2.32 25.64 -10.01
CA VAL A 347 2.76 24.30 -9.60
C VAL A 347 4.27 24.20 -9.82
N SER A 348 5.03 23.95 -8.75
CA SER A 348 6.47 23.77 -8.86
C SER A 348 6.77 22.29 -9.14
N VAL A 349 7.74 22.06 -10.03
CA VAL A 349 8.16 20.72 -10.42
C VAL A 349 9.68 20.68 -10.55
N GLY A 350 10.30 19.66 -9.95
CA GLY A 350 11.74 19.53 -10.05
C GLY A 350 12.43 20.34 -8.98
N LEU A 351 13.62 20.84 -9.30
CA LEU A 351 14.44 21.63 -8.38
C LEU A 351 13.68 22.81 -7.80
N ALA A 352 12.74 23.40 -8.55
CA ALA A 352 12.00 24.55 -8.03
C ALA A 352 11.08 24.13 -6.89
N SER A 353 10.67 22.85 -6.89
CA SER A 353 9.88 22.20 -5.83
C SER A 353 10.73 21.75 -4.63
N CYS A 354 11.74 20.89 -4.87
CA CYS A 354 12.43 20.20 -3.78
C CYS A 354 13.70 19.56 -4.33
N PHE A 355 14.62 19.21 -3.43
CA PHE A 355 15.83 18.52 -3.87
C PHE A 355 16.48 17.74 -2.71
N VAL A 356 17.08 16.61 -3.07
CA VAL A 356 18.08 15.92 -2.25
C VAL A 356 19.24 15.58 -3.18
N GLU A 357 20.44 15.47 -2.61
CA GLU A 357 21.57 14.88 -3.32
C GLU A 357 21.15 13.58 -4.00
N PRO A 358 21.68 13.29 -5.19
CA PRO A 358 21.30 12.06 -5.92
C PRO A 358 21.88 10.76 -5.39
N LEU A 359 21.88 10.57 -4.07
CA LEU A 359 22.46 9.38 -3.45
C LEU A 359 21.68 8.11 -3.79
N GLU A 360 20.38 8.20 -4.04
CA GLU A 360 19.53 7.08 -4.43
C GLU A 360 18.66 7.44 -5.63
N SER A 361 19.21 8.25 -6.54
CA SER A 361 18.62 8.48 -7.87
C SER A 361 17.17 8.96 -7.77
N SER A 362 16.96 9.98 -6.95
CA SER A 362 15.62 10.47 -6.65
C SER A 362 15.08 11.45 -7.69
N GLY A 363 15.96 12.13 -8.40
CA GLY A 363 15.68 13.34 -9.14
C GLY A 363 14.55 13.23 -10.16
N ILE A 364 14.73 12.30 -11.08
CA ILE A 364 13.80 12.21 -12.17
C ILE A 364 12.50 11.56 -11.69
N TYR A 365 12.59 10.67 -10.71
CA TYR A 365 11.39 10.09 -10.12
C TYR A 365 10.49 11.21 -9.53
N PHE A 366 11.10 12.13 -8.79
CA PHE A 366 10.37 13.26 -8.21
C PHE A 366 9.66 14.08 -9.27
N ILE A 367 10.35 14.33 -10.40
CA ILE A 367 9.71 15.03 -11.51
C ILE A 367 8.49 14.27 -12.02
N TYR A 368 8.61 12.98 -12.30
N TYR A 368 8.66 12.96 -12.30
CA TYR A 368 7.41 12.38 -12.89
CA TYR A 368 7.57 12.15 -12.84
C TYR A 368 6.37 11.90 -11.88
C TYR A 368 6.40 12.08 -11.86
N ALA A 369 6.70 11.84 -10.58
CA ALA A 369 5.62 11.69 -9.61
C ALA A 369 4.80 12.96 -9.53
N ALA A 370 5.48 14.13 -9.55
CA ALA A 370 4.76 15.41 -9.52
C ALA A 370 3.89 15.56 -10.75
N ILE A 371 4.41 15.26 -11.95
CA ILE A 371 3.59 15.49 -13.13
C ILE A 371 2.47 14.47 -13.23
N HIS A 372 2.73 13.23 -12.79
CA HIS A 372 1.65 12.26 -12.68
C HIS A 372 0.55 12.79 -11.76
N MET A 373 0.92 13.32 -10.60
CA MET A 373 -0.06 13.81 -9.63
C MET A 373 -0.77 15.06 -10.15
N LEU A 374 -0.04 15.91 -10.90
CA LEU A 374 -0.67 17.10 -11.47
C LEU A 374 -1.76 16.70 -12.46
N ALA A 375 -1.46 15.75 -13.35
CA ALA A 375 -2.46 15.25 -14.30
C ALA A 375 -3.66 14.68 -13.56
N LYS A 376 -3.41 13.99 -12.45
CA LYS A 376 -4.51 13.38 -11.70
C LYS A 376 -5.33 14.42 -10.94
N HIS A 377 -4.67 15.43 -10.39
CA HIS A 377 -5.34 16.53 -9.70
C HIS A 377 -5.58 17.74 -10.59
N PHE A 378 -5.58 17.55 -11.89
CA PHE A 378 -5.67 18.69 -12.79
C PHE A 378 -6.92 19.50 -12.51
N PRO A 379 -6.82 20.82 -12.36
CA PRO A 379 -7.97 21.63 -11.95
C PRO A 379 -8.72 22.14 -13.17
N ASP A 380 -9.81 22.78 -12.89
CA ASP A 380 -10.40 23.75 -13.80
C ASP A 380 -10.16 25.14 -13.20
N LYS A 381 -10.72 26.18 -13.82
CA LYS A 381 -10.38 27.53 -13.43
C LYS A 381 -10.86 27.89 -12.03
N THR A 382 -11.75 27.09 -11.41
CA THR A 382 -12.11 27.33 -10.01
C THR A 382 -11.06 26.85 -9.01
N PHE A 383 -10.02 26.13 -9.45
CA PHE A 383 -8.93 25.67 -8.58
C PHE A 383 -9.42 25.20 -7.20
N ASP A 384 -10.26 24.17 -7.22
CA ASP A 384 -10.72 23.54 -5.99
C ASP A 384 -9.55 23.33 -5.03
N LYS A 385 -9.67 23.92 -3.84
CA LYS A 385 -8.62 23.90 -2.83
C LYS A 385 -8.24 22.47 -2.43
N VAL A 386 -9.20 21.55 -2.50
CA VAL A 386 -8.90 20.20 -2.04
C VAL A 386 -7.96 19.53 -3.04
N LEU A 387 -8.18 19.74 -4.35
CA LEU A 387 -7.25 19.20 -5.35
C LEU A 387 -5.85 19.67 -5.04
N VAL A 388 -5.69 20.98 -4.77
CA VAL A 388 -4.36 21.54 -4.55
C VAL A 388 -3.79 20.97 -3.26
N ASP A 389 -4.62 20.85 -2.22
CA ASP A 389 -4.14 20.37 -0.94
C ASP A 389 -3.69 18.92 -1.03
N ARG A 390 -4.47 18.08 -1.72
CA ARG A 390 -4.10 16.68 -1.83
C ARG A 390 -2.83 16.52 -2.65
N PHE A 391 -2.66 17.31 -3.71
CA PHE A 391 -1.40 17.25 -4.45
C PHE A 391 -0.25 17.59 -3.51
N ASN A 392 -0.36 18.69 -2.79
CA ASN A 392 0.71 19.13 -1.91
C ASN A 392 1.05 18.06 -0.89
N ARG A 393 0.01 17.40 -0.36
CA ARG A 393 0.20 16.36 0.64
C ARG A 393 1.04 15.25 0.06
N GLU A 394 0.77 14.86 -1.20
CA GLU A 394 1.52 13.77 -1.80
C GLU A 394 2.98 14.17 -1.97
N ILE A 395 3.24 15.42 -2.38
CA ILE A 395 4.63 15.82 -2.63
C ILE A 395 5.40 15.87 -1.32
N GLU A 396 4.80 16.40 -0.26
CA GLU A 396 5.56 16.57 0.97
C GLU A 396 5.86 15.22 1.62
N GLU A 397 4.90 14.28 1.57
CA GLU A 397 5.14 12.93 2.10
C GLU A 397 6.17 12.20 1.27
N MET A 398 6.05 12.26 -0.05
CA MET A 398 7.08 11.67 -0.92
C MET A 398 8.46 12.17 -0.55
N PHE A 399 8.62 13.49 -0.41
CA PHE A 399 9.95 14.06 -0.23
C PHE A 399 10.48 13.69 1.15
N ASP A 400 9.68 13.87 2.18
CA ASP A 400 10.20 13.70 3.53
C ASP A 400 10.61 12.24 3.71
N ASP A 401 9.87 11.33 3.08
CA ASP A 401 10.17 9.92 3.25
C ASP A 401 11.53 9.61 2.63
N THR A 402 11.81 10.10 1.41
CA THR A 402 13.13 9.89 0.82
C THR A 402 14.22 10.64 1.60
N ARG A 403 13.91 11.82 2.11
CA ARG A 403 14.86 12.57 2.94
C ARG A 403 15.31 11.72 4.13
N ASP A 404 14.35 11.25 4.92
CA ASP A 404 14.62 10.35 6.03
C ASP A 404 15.50 9.18 5.59
N PHE A 405 15.14 8.55 4.46
CA PHE A 405 15.84 7.36 4.01
C PHE A 405 17.30 7.69 3.70
N LEU A 406 17.53 8.85 3.09
CA LEU A 406 18.91 9.23 2.79
C LEU A 406 19.66 9.53 4.08
N GLN A 407 19.01 10.20 5.05
CA GLN A 407 19.69 10.47 6.30
C GLN A 407 20.21 9.19 6.91
N ALA A 408 19.41 8.11 6.86
CA ALA A 408 19.83 6.82 7.38
C ALA A 408 21.20 6.39 6.85
N HIS A 409 21.47 6.64 5.54
CA HIS A 409 22.77 6.25 4.98
C HIS A 409 23.92 6.88 5.76
N TYR A 410 23.74 8.12 6.18
CA TYR A 410 24.81 8.86 6.85
C TYR A 410 24.81 8.60 8.34
N TYR A 411 23.62 8.53 8.93
CA TYR A 411 23.53 8.43 10.38
C TYR A 411 24.08 7.08 10.83
N PHE A 412 23.88 6.03 10.03
CA PHE A 412 24.24 4.67 10.42
C PHE A 412 25.54 4.20 9.76
N SER A 413 26.17 5.07 8.97
CA SER A 413 27.57 4.84 8.63
C SER A 413 28.36 4.73 9.92
N PRO A 414 29.19 3.70 10.10
CA PRO A 414 30.10 3.68 11.26
C PRO A 414 31.26 4.66 11.20
N ARG A 415 31.44 5.37 10.09
CA ARG A 415 32.55 6.31 9.96
C ARG A 415 32.46 7.47 10.95
N VAL A 416 33.61 7.79 11.55
CA VAL A 416 33.76 8.91 12.48
C VAL A 416 35.15 9.49 12.35
N ASP A 417 35.77 9.30 11.18
CA ASP A 417 37.18 9.60 10.96
C ASP A 417 37.41 11.05 10.54
N THR A 418 36.40 11.76 10.05
CA THR A 418 36.53 13.17 9.73
C THR A 418 35.43 13.98 10.41
N PRO A 419 35.60 15.30 10.51
CA PRO A 419 34.55 16.10 11.17
C PRO A 419 33.23 16.03 10.42
N PHE A 420 33.27 15.88 9.10
CA PHE A 420 32.05 15.63 8.31
C PHE A 420 31.31 14.40 8.82
N TRP A 421 31.96 13.23 8.83
CA TRP A 421 31.26 12.02 9.24
C TRP A 421 30.83 12.07 10.70
N ARG A 422 31.62 12.69 11.56
CA ARG A 422 31.20 12.85 12.95
C ARG A 422 29.95 13.73 13.03
N ALA A 423 29.94 14.85 12.27
CA ALA A 423 28.84 15.81 12.37
C ALA A 423 27.51 15.17 11.99
N ASN A 424 27.52 14.19 11.10
CA ASN A 424 26.26 13.58 10.71
C ASN A 424 25.61 12.89 11.89
N LYS A 425 26.42 12.38 12.83
CA LYS A 425 25.83 11.70 13.98
C LYS A 425 25.38 12.67 15.06
N GLU A 426 25.58 13.98 14.87
CA GLU A 426 25.08 14.96 15.82
C GLU A 426 23.71 15.47 15.43
N LEU A 427 23.29 15.16 14.23
CA LEU A 427 22.04 15.62 13.66
C LEU A 427 20.98 14.76 14.29
N LYS A 428 19.74 15.20 14.21
CA LYS A 428 18.73 14.43 14.89
C LYS A 428 18.10 13.58 13.81
N LEU A 429 17.79 12.34 14.19
CA LEU A 429 17.10 11.43 13.30
C LEU A 429 15.63 11.80 13.36
N ALA A 430 14.98 11.79 12.19
CA ALA A 430 13.53 11.90 12.18
C ALA A 430 12.85 10.77 12.95
N ASP A 431 11.66 11.09 13.48
CA ASP A 431 10.86 10.10 14.21
C ASP A 431 10.65 8.85 13.37
N SER A 432 10.37 9.02 12.08
CA SER A 432 9.96 7.88 11.29
C SER A 432 11.11 6.91 11.12
N ILE A 433 12.33 7.42 10.98
CA ILE A 433 13.44 6.48 10.86
C ILE A 433 13.80 5.88 12.21
N LYS A 434 13.62 6.62 13.31
CA LYS A 434 13.80 6.02 14.63
C LYS A 434 12.85 4.83 14.78
N ASP A 435 11.57 5.02 14.46
CA ASP A 435 10.59 3.95 14.54
C ASP A 435 11.00 2.75 13.69
N LYS A 436 11.47 2.99 12.47
CA LYS A 436 11.77 1.88 11.59
C LYS A 436 13.00 1.12 12.06
N VAL A 437 14.00 1.83 12.58
CA VAL A 437 15.18 1.17 13.14
C VAL A 437 14.78 0.26 14.30
N GLU A 438 13.94 0.78 15.24
CA GLU A 438 13.39 -0.06 16.30
C GLU A 438 12.73 -1.32 15.76
N THR A 439 11.90 -1.17 14.73
CA THR A 439 11.21 -2.31 14.17
C THR A 439 12.23 -3.29 13.60
N TYR A 440 13.13 -2.78 12.76
CA TYR A 440 14.20 -3.57 12.21
C TYR A 440 15.02 -4.29 13.31
N ARG A 441 15.41 -3.55 14.36
CA ARG A 441 16.31 -4.15 15.38
C ARG A 441 15.65 -5.26 16.19
N ALA A 442 14.32 -5.29 16.24
CA ALA A 442 13.60 -6.39 16.88
C ALA A 442 13.45 -7.60 15.95
N GLY A 443 13.96 -7.52 14.72
CA GLY A 443 13.86 -8.58 13.74
C GLY A 443 12.66 -8.51 12.81
N LEU A 444 11.75 -7.53 12.98
CA LEU A 444 10.56 -7.35 12.16
C LEU A 444 10.88 -6.75 10.78
N PRO A 445 10.08 -7.07 9.75
CA PRO A 445 10.21 -6.34 8.47
C PRO A 445 9.76 -4.88 8.55
N VAL A 446 10.34 -4.06 7.68
CA VAL A 446 9.95 -2.65 7.53
C VAL A 446 9.34 -2.46 6.15
N ASN A 447 8.10 -1.95 6.07
CA ASN A 447 7.51 -1.60 4.75
C ASN A 447 7.49 -2.82 3.83
N LEU A 448 6.96 -3.91 4.34
CA LEU A 448 6.90 -5.16 3.60
C LEU A 448 6.17 -4.95 2.26
N PRO A 449 6.75 -5.41 1.13
CA PRO A 449 6.04 -5.41 -0.16
C PRO A 449 4.79 -6.27 -0.15
N VAL A 450 3.70 -5.71 -0.70
CA VAL A 450 2.42 -6.40 -0.75
C VAL A 450 2.03 -6.83 -2.18
N THR A 451 2.95 -6.70 -3.14
CA THR A 451 2.67 -6.84 -4.56
C THR A 451 3.82 -7.66 -5.13
N ASP A 452 3.58 -8.34 -6.24
CA ASP A 452 4.70 -8.89 -6.98
C ASP A 452 5.46 -7.78 -7.71
N GLU A 453 6.64 -8.16 -8.23
CA GLU A 453 7.54 -7.18 -8.85
C GLU A 453 6.94 -6.57 -10.10
N GLY A 454 6.26 -7.38 -10.93
CA GLY A 454 5.64 -6.85 -12.12
C GLY A 454 4.64 -5.75 -11.82
N THR A 455 3.73 -6.02 -10.89
CA THR A 455 2.78 -5.00 -10.44
C THR A 455 3.50 -3.77 -9.90
N TYR A 456 4.50 -4.00 -9.04
CA TYR A 456 5.19 -2.93 -8.34
C TYR A 456 5.78 -1.90 -9.31
N TYR A 457 6.58 -2.35 -10.27
CA TYR A 457 7.21 -1.43 -11.22
C TYR A 457 6.32 -1.14 -12.42
N GLY A 458 5.14 -1.78 -12.50
CA GLY A 458 4.24 -1.60 -13.62
C GLY A 458 3.06 -0.72 -13.29
N ASN A 459 2.64 -0.72 -12.02
CA ASN A 459 1.62 0.19 -11.52
C ASN A 459 2.29 1.32 -10.76
N PHE A 460 1.96 2.57 -11.12
CA PHE A 460 2.54 3.72 -10.44
C PHE A 460 2.20 3.69 -8.95
N GLU A 461 0.93 3.55 -8.63
CA GLU A 461 0.50 3.64 -7.23
C GLU A 461 1.12 2.53 -6.38
N ALA A 462 1.35 1.35 -6.95
CA ALA A 462 1.93 0.26 -6.16
C ALA A 462 3.30 0.65 -5.62
N GLU A 463 4.11 1.35 -6.42
CA GLU A 463 5.43 1.73 -5.95
C GLU A 463 5.40 3.02 -5.15
N PHE A 464 4.60 4.01 -5.57
CA PHE A 464 4.52 5.28 -4.86
C PHE A 464 4.03 5.09 -3.42
N ARG A 465 3.14 4.12 -3.17
CA ARG A 465 2.58 3.83 -1.86
C ARG A 465 3.45 2.90 -1.01
N ASN A 466 4.53 2.39 -1.57
CA ASN A 466 5.46 1.49 -0.90
C ASN A 466 6.83 1.70 -1.53
N PHE A 467 7.40 2.90 -1.33
CA PHE A 467 8.50 3.25 -2.21
C PHE A 467 9.83 2.62 -1.76
N TRP A 468 10.24 2.84 -0.51
CA TRP A 468 11.38 2.14 0.09
C TRP A 468 10.87 0.91 0.86
N THR A 469 10.96 -0.27 0.23
CA THR A 469 10.42 -1.49 0.85
C THR A 469 11.44 -2.11 1.81
N ASN A 470 11.02 -3.19 2.46
CA ASN A 470 11.85 -3.94 3.39
C ASN A 470 13.21 -4.28 2.80
N GLY A 471 13.24 -4.63 1.51
CA GLY A 471 14.48 -5.00 0.86
C GLY A 471 15.47 -3.84 0.84
N SER A 472 14.95 -2.62 0.62
CA SER A 472 15.83 -1.46 0.54
C SER A 472 16.37 -1.11 1.91
N TYR A 473 15.56 -1.24 2.96
CA TYR A 473 16.06 -0.97 4.31
C TYR A 473 17.15 -1.98 4.64
N TYR A 474 16.96 -3.25 4.26
CA TYR A 474 17.97 -4.26 4.52
C TYR A 474 19.23 -3.95 3.72
N CYS A 475 19.08 -3.54 2.45
CA CYS A 475 20.26 -3.24 1.64
C CYS A 475 21.14 -2.23 2.35
N ILE A 476 20.53 -1.21 2.93
CA ILE A 476 21.28 -0.10 3.49
C ILE A 476 21.71 -0.39 4.92
N PHE A 477 20.78 -0.75 5.81
CA PHE A 477 21.14 -1.11 7.18
C PHE A 477 22.20 -2.23 7.22
N ALA A 478 21.90 -3.38 6.60
CA ALA A 478 22.85 -4.48 6.64
C ALA A 478 24.12 -4.10 5.90
N GLY A 479 23.96 -3.42 4.76
CA GLY A 479 25.13 -2.98 4.01
C GLY A 479 26.09 -2.21 4.88
N LEU A 480 25.55 -1.39 5.78
CA LEU A 480 26.37 -0.53 6.61
C LEU A 480 26.77 -1.20 7.91
N GLY A 481 26.28 -2.41 8.17
CA GLY A 481 26.72 -3.14 9.33
C GLY A 481 25.73 -3.09 10.48
N LEU A 482 24.55 -2.53 10.25
CA LEU A 482 23.52 -2.48 11.27
C LEU A 482 22.64 -3.72 11.14
N MET A 483 22.63 -4.53 12.19
CA MET A 483 21.90 -5.79 12.18
C MET A 483 20.77 -5.76 13.18
N PRO A 484 19.75 -6.61 13.01
CA PRO A 484 18.76 -6.79 14.07
C PRO A 484 19.47 -7.27 15.33
N ARG A 485 18.94 -6.87 16.50
CA ARG A 485 19.54 -7.37 17.74
CA ARG A 485 19.47 -7.36 17.78
C ARG A 485 19.43 -8.88 17.84
N ASN A 486 18.44 -9.49 17.20
CA ASN A 486 18.30 -10.94 17.19
C ASN A 486 17.48 -11.32 15.96
N PRO A 487 17.41 -12.61 15.64
CA PRO A 487 16.51 -13.04 14.56
C PRO A 487 15.06 -12.80 14.96
N LEU A 488 14.20 -12.73 13.92
CA LEU A 488 12.74 -12.77 14.07
C LEU A 488 12.40 -13.96 14.97
N PRO A 489 11.86 -13.73 16.18
CA PRO A 489 11.60 -14.87 17.09
C PRO A 489 10.73 -15.99 16.49
N ALA A 490 9.76 -15.63 15.64
CA ALA A 490 8.93 -16.63 14.98
C ALA A 490 9.75 -17.72 14.28
N LEU A 491 10.93 -17.35 13.76
CA LEU A 491 11.74 -18.32 13.03
C LEU A 491 12.15 -19.50 13.91
N ALA A 492 12.22 -19.28 15.22
CA ALA A 492 12.62 -20.33 16.16
C ALA A 492 11.59 -21.45 16.22
N TYR A 493 10.39 -21.24 15.70
CA TYR A 493 9.32 -22.21 15.82
C TYR A 493 9.02 -22.87 14.47
N LYS A 494 9.84 -22.62 13.46
CA LYS A 494 9.47 -22.90 12.06
C LYS A 494 10.63 -23.58 11.33
N PRO A 495 11.01 -24.79 11.75
CA PRO A 495 12.10 -25.49 11.03
C PRO A 495 11.80 -25.80 9.57
N GLN A 496 10.56 -26.15 9.21
CA GLN A 496 10.27 -26.33 7.80
C GLN A 496 10.47 -25.05 7.01
N SER A 497 10.10 -23.91 7.59
CA SER A 497 10.21 -22.66 6.84
C SER A 497 11.68 -22.31 6.63
N ILE A 498 12.51 -22.52 7.64
CA ILE A 498 13.95 -22.32 7.49
C ILE A 498 14.49 -23.22 6.40
N ALA A 499 14.02 -24.47 6.34
CA ALA A 499 14.48 -25.38 5.31
C ALA A 499 14.03 -24.90 3.93
N GLU A 500 12.81 -24.41 3.83
CA GLU A 500 12.32 -23.92 2.55
C GLU A 500 13.08 -22.68 2.09
N ALA A 501 13.55 -21.85 3.02
CA ALA A 501 14.37 -20.69 2.65
C ALA A 501 15.73 -21.12 2.10
N GLU A 502 16.33 -22.17 2.66
CA GLU A 502 17.58 -22.72 2.12
C GLU A 502 17.45 -23.03 0.64
N LEU A 503 16.30 -23.57 0.23
CA LEU A 503 16.11 -23.85 -1.20
C LEU A 503 16.09 -22.54 -1.98
N LEU A 504 15.41 -21.52 -1.44
CA LEU A 504 15.40 -20.21 -2.08
C LEU A 504 16.83 -19.67 -2.23
N PHE A 505 17.62 -19.73 -1.15
CA PHE A 505 19.01 -19.27 -1.23
C PHE A 505 19.74 -19.99 -2.36
N ALA A 506 19.46 -21.29 -2.53
CA ALA A 506 20.12 -22.08 -3.56
C ALA A 506 19.63 -21.69 -4.94
N ASP A 507 18.35 -21.36 -5.08
CA ASP A 507 17.83 -20.90 -6.36
C ASP A 507 18.55 -19.62 -6.77
N VAL A 508 18.84 -18.75 -5.81
CA VAL A 508 19.51 -17.49 -6.10
C VAL A 508 20.92 -17.77 -6.59
N LYS A 509 21.60 -18.73 -5.96
CA LYS A 509 22.93 -19.10 -6.41
C LYS A 509 22.92 -19.64 -7.83
N ARG A 510 22.02 -20.60 -8.13
CA ARG A 510 21.95 -21.22 -9.45
C ARG A 510 21.69 -20.19 -10.54
N LYS A 511 20.73 -19.29 -10.31
CA LYS A 511 20.37 -18.28 -11.30
C LYS A 511 21.55 -17.36 -11.54
N GLY A 512 22.15 -16.86 -10.45
CA GLY A 512 23.32 -15.99 -10.58
C GLY A 512 24.44 -16.65 -11.37
N ASP A 513 24.74 -17.93 -11.06
CA ASP A 513 25.81 -18.64 -11.76
C ASP A 513 25.44 -18.79 -13.24
N THR A 514 24.20 -19.18 -13.54
CA THR A 514 23.83 -19.35 -14.94
C THR A 514 23.91 -18.05 -15.71
N LEU A 515 23.52 -16.95 -15.07
CA LEU A 515 23.42 -15.71 -15.83
C LEU A 515 24.78 -15.08 -15.98
N VAL A 516 25.65 -15.24 -14.97
CA VAL A 516 27.03 -14.81 -15.12
C VAL A 516 27.69 -15.55 -16.30
N GLU A 517 27.31 -16.81 -16.54
CA GLU A 517 27.94 -17.55 -17.63
CA GLU A 517 27.89 -17.60 -17.62
C GLU A 517 27.32 -17.20 -18.99
N SER A 518 26.00 -16.96 -19.08
CA SER A 518 25.35 -16.81 -20.40
C SER A 518 25.11 -15.37 -20.85
N LEU A 519 25.13 -14.40 -19.96
CA LEU A 519 24.74 -13.03 -20.33
C LEU A 519 25.88 -12.37 -21.09
N PRO A 520 25.59 -11.47 -22.03
CA PRO A 520 26.66 -10.64 -22.60
C PRO A 520 27.18 -9.64 -21.59
N SER A 521 28.39 -9.15 -21.83
CA SER A 521 28.86 -8.02 -21.05
C SER A 521 27.98 -6.81 -21.29
N THR A 522 27.91 -5.93 -20.29
CA THR A 522 27.24 -4.66 -20.51
C THR A 522 27.82 -3.96 -21.73
N TYR A 523 29.17 -3.92 -21.80
CA TYR A 523 29.83 -3.29 -22.94
C TYR A 523 29.31 -3.84 -24.27
N ASP A 524 29.24 -5.17 -24.37
CA ASP A 524 28.78 -5.76 -25.63
C ASP A 524 27.31 -5.41 -25.91
N LEU A 525 26.45 -5.45 -24.88
CA LEU A 525 25.05 -5.12 -25.14
C LEU A 525 24.93 -3.67 -25.57
N LEU A 526 25.77 -2.80 -25.01
CA LEU A 526 25.78 -1.37 -25.35
C LEU A 526 26.23 -1.15 -26.79
N ARG A 527 27.29 -1.87 -27.21
N ARG A 527 27.28 -1.88 -27.22
CA ARG A 527 27.77 -1.75 -28.58
CA ARG A 527 27.76 -1.73 -28.59
C ARG A 527 26.70 -2.18 -29.58
C ARG A 527 26.73 -2.20 -29.60
N GLN A 528 26.03 -3.30 -29.31
CA GLN A 528 24.92 -3.70 -30.16
C GLN A 528 23.84 -2.62 -30.20
N LEU A 529 23.48 -2.07 -29.04
CA LEU A 529 22.37 -1.12 -28.97
C LEU A 529 22.71 0.17 -29.69
N HIS A 530 23.89 0.73 -29.44
CA HIS A 530 24.21 2.04 -29.98
C HIS A 530 24.91 1.96 -31.33
N GLY A 531 24.80 0.82 -32.03
CA GLY A 531 25.40 0.67 -33.35
C GLY A 531 26.91 0.70 -33.32
N ASP B 4 17.29 -22.35 25.81
CA ASP B 4 16.05 -22.37 25.04
C ASP B 4 14.98 -21.50 25.71
N ASN B 5 14.79 -20.27 25.21
CA ASN B 5 13.85 -19.30 25.78
C ASN B 5 12.52 -19.25 25.05
N ARG B 6 12.20 -20.30 24.30
CA ARG B 6 10.99 -20.31 23.50
C ARG B 6 9.76 -20.50 24.38
N ILE B 7 8.66 -19.87 23.96
CA ILE B 7 7.36 -20.33 24.43
C ILE B 7 7.29 -21.83 24.21
N LYS B 8 6.86 -22.55 25.25
CA LYS B 8 6.68 -23.99 25.13
C LYS B 8 5.22 -24.40 25.11
N THR B 9 4.36 -23.69 25.80
CA THR B 9 2.95 -24.06 25.89
C THR B 9 2.11 -22.80 25.67
N VAL B 10 1.09 -22.91 24.82
CA VAL B 10 0.11 -21.85 24.60
C VAL B 10 -1.23 -22.37 25.12
N VAL B 11 -1.86 -21.59 25.99
CA VAL B 11 -3.18 -21.92 26.52
C VAL B 11 -4.16 -20.89 25.98
N ILE B 12 -5.22 -21.38 25.35
CA ILE B 12 -6.25 -20.57 24.72
C ILE B 12 -7.51 -20.72 25.56
N LEU B 13 -8.01 -19.61 26.08
CA LEU B 13 -9.23 -19.63 26.87
C LEU B 13 -10.42 -19.33 25.95
N GLY B 14 -11.31 -20.30 25.81
CA GLY B 14 -12.50 -20.19 25.01
C GLY B 14 -12.42 -20.95 23.70
N GLY B 15 -13.55 -21.51 23.30
CA GLY B 15 -13.67 -22.19 22.04
C GLY B 15 -14.42 -21.31 21.07
N GLY B 16 -15.47 -21.85 20.48
CA GLY B 16 -16.13 -21.18 19.37
C GLY B 16 -15.16 -20.93 18.24
N THR B 17 -15.58 -20.03 17.35
CA THR B 17 -14.77 -19.77 16.16
C THR B 17 -13.43 -19.17 16.54
N ALA B 18 -13.42 -18.18 17.45
CA ALA B 18 -12.18 -17.48 17.78
C ALA B 18 -11.16 -18.47 18.34
N GLY B 19 -11.58 -19.28 19.32
CA GLY B 19 -10.66 -20.20 19.98
C GLY B 19 -10.15 -21.25 19.02
N TRP B 20 -11.04 -21.82 18.20
CA TRP B 20 -10.63 -22.95 17.38
C TRP B 20 -9.94 -22.47 16.11
N MET B 21 -10.23 -21.26 15.65
CA MET B 21 -9.44 -20.69 14.56
C MET B 21 -8.03 -20.41 15.05
N THR B 22 -7.90 -19.87 16.27
CA THR B 22 -6.58 -19.62 16.85
C THR B 22 -5.80 -20.92 16.98
N ALA B 23 -6.44 -21.94 17.56
CA ALA B 23 -5.79 -23.21 17.80
C ALA B 23 -5.34 -23.83 16.47
N ALA B 24 -6.24 -23.88 15.48
CA ALA B 24 -5.89 -24.49 14.21
C ALA B 24 -4.75 -23.74 13.55
N TYR B 25 -4.82 -22.41 13.57
CA TYR B 25 -3.80 -21.61 12.89
C TYR B 25 -2.45 -21.76 13.55
N LEU B 26 -2.39 -21.63 14.87
CA LEU B 26 -1.10 -21.72 15.55
C LEU B 26 -0.56 -23.15 15.48
N GLY B 27 -1.46 -24.15 15.53
CA GLY B 27 -1.07 -25.52 15.25
C GLY B 27 -0.22 -25.63 14.01
N LYS B 28 -0.64 -24.98 12.95
CA LYS B 28 0.07 -25.01 11.67
C LYS B 28 1.29 -24.08 11.73
N ALA B 29 1.09 -22.84 12.20
CA ALA B 29 2.17 -21.84 12.15
C ALA B 29 3.38 -22.28 12.96
N LEU B 30 3.16 -22.94 14.09
CA LEU B 30 4.23 -23.21 15.05
C LEU B 30 4.79 -24.60 14.84
N GLN B 31 4.22 -25.35 13.90
CA GLN B 31 4.84 -26.54 13.30
C GLN B 31 5.18 -27.55 14.40
N ASN B 32 4.26 -27.70 15.38
CA ASN B 32 4.40 -28.70 16.45
C ASN B 32 5.60 -28.44 17.35
N THR B 33 6.08 -27.21 17.45
CA THR B 33 7.18 -26.91 18.35
C THR B 33 6.66 -26.41 19.68
N VAL B 34 5.35 -26.25 19.79
CA VAL B 34 4.66 -25.61 20.91
C VAL B 34 3.41 -26.43 21.22
N LYS B 35 3.21 -26.73 22.51
CA LYS B 35 1.97 -27.34 22.98
C LYS B 35 0.84 -26.33 22.98
N ILE B 36 -0.31 -26.75 22.46
CA ILE B 36 -1.48 -25.89 22.37
C ILE B 36 -2.65 -26.54 23.10
N VAL B 37 -3.23 -25.79 24.03
CA VAL B 37 -4.36 -26.23 24.84
C VAL B 37 -5.50 -25.25 24.61
N VAL B 38 -6.71 -25.78 24.44
CA VAL B 38 -7.92 -24.99 24.42
C VAL B 38 -8.74 -25.40 25.64
N LEU B 39 -9.10 -24.43 26.46
CA LEU B 39 -9.97 -24.63 27.61
C LEU B 39 -11.35 -24.09 27.27
N GLU B 40 -12.26 -24.99 26.94
CA GLU B 40 -13.58 -24.61 26.42
C GLU B 40 -14.65 -25.10 27.39
N ALA B 41 -15.34 -24.14 27.99
CA ALA B 41 -16.61 -24.35 28.68
C ALA B 41 -17.57 -25.14 27.80
N PRO B 42 -18.15 -26.24 28.29
CA PRO B 42 -19.22 -26.90 27.54
C PRO B 42 -20.47 -26.04 27.63
N THR B 43 -21.10 -25.78 26.48
CA THR B 43 -22.23 -24.87 26.49
C THR B 43 -23.44 -25.40 25.72
N ILE B 44 -24.55 -24.71 25.97
CA ILE B 44 -25.92 -25.00 25.54
C ILE B 44 -26.11 -24.64 24.07
N PRO B 45 -26.21 -25.62 23.15
CA PRO B 45 -26.17 -25.28 21.73
C PRO B 45 -27.24 -24.26 21.32
N ARG B 46 -26.83 -23.04 20.98
CA ARG B 46 -27.75 -21.97 20.60
C ARG B 46 -28.27 -22.18 19.18
N ILE B 47 -29.43 -21.59 18.88
CA ILE B 47 -29.91 -21.58 17.51
C ILE B 47 -28.86 -20.91 16.62
N GLY B 48 -28.75 -21.37 15.37
CA GLY B 48 -27.70 -20.88 14.48
C GLY B 48 -28.09 -19.62 13.73
N VAL B 49 -27.62 -18.45 14.17
CA VAL B 49 -28.13 -17.20 13.62
C VAL B 49 -27.33 -16.69 12.42
N GLY B 50 -26.26 -17.40 12.01
CA GLY B 50 -25.61 -17.15 10.73
C GLY B 50 -24.46 -16.15 10.77
N GLU B 51 -23.39 -16.44 10.03
CA GLU B 51 -22.26 -15.51 9.92
C GLU B 51 -21.92 -15.25 8.46
N ALA B 52 -21.55 -14.01 8.16
CA ALA B 52 -21.06 -13.66 6.83
C ALA B 52 -19.58 -13.30 6.91
N THR B 53 -18.90 -13.37 5.75
CA THR B 53 -17.46 -13.23 5.69
C THR B 53 -17.10 -12.35 4.49
N VAL B 54 -15.79 -12.16 4.29
CA VAL B 54 -15.24 -11.42 3.17
C VAL B 54 -14.35 -12.36 2.37
N PRO B 55 -14.13 -12.07 1.09
CA PRO B 55 -13.47 -13.04 0.17
C PRO B 55 -12.16 -13.65 0.64
N ASN B 56 -11.34 -12.95 1.43
CA ASN B 56 -10.02 -13.51 1.71
C ASN B 56 -10.02 -14.56 2.81
N LEU B 57 -11.17 -14.99 3.32
CA LEU B 57 -11.19 -16.10 4.27
C LEU B 57 -10.53 -17.35 3.73
N GLN B 58 -10.81 -17.72 2.49
CA GLN B 58 -10.24 -18.95 1.96
C GLN B 58 -8.74 -18.83 1.83
N ARG B 59 -8.26 -17.71 1.26
CA ARG B 59 -6.83 -17.56 1.02
C ARG B 59 -6.07 -17.38 2.33
N ALA B 60 -6.54 -16.51 3.22
CA ALA B 60 -5.77 -16.14 4.39
C ALA B 60 -5.80 -17.25 5.45
N PHE B 61 -6.91 -17.99 5.55
CA PHE B 61 -7.11 -18.93 6.66
C PHE B 61 -7.13 -20.38 6.21
N PHE B 62 -8.17 -20.82 5.49
CA PHE B 62 -8.31 -22.25 5.17
C PHE B 62 -7.18 -22.76 4.28
N ASP B 63 -6.73 -21.95 3.32
CA ASP B 63 -5.63 -22.38 2.47
C ASP B 63 -4.35 -22.54 3.28
N TYR B 64 -4.10 -21.63 4.23
CA TYR B 64 -2.90 -21.79 5.05
C TYR B 64 -2.97 -23.13 5.77
N LEU B 65 -4.17 -23.56 6.18
CA LEU B 65 -4.33 -24.82 6.86
C LEU B 65 -4.39 -25.99 5.89
N GLY B 66 -4.49 -25.71 4.59
CA GLY B 66 -4.63 -26.74 3.58
C GLY B 66 -5.99 -27.40 3.57
N ILE B 67 -7.03 -26.67 3.96
CA ILE B 67 -8.40 -27.20 3.94
C ILE B 67 -9.08 -26.69 2.68
N PRO B 68 -9.46 -27.57 1.77
CA PRO B 68 -10.15 -27.14 0.55
C PRO B 68 -11.50 -26.55 0.86
N GLU B 69 -11.88 -25.57 0.04
CA GLU B 69 -13.08 -24.77 0.28
C GLU B 69 -14.31 -25.66 0.43
N GLU B 70 -14.45 -26.66 -0.45
CA GLU B 70 -15.66 -27.49 -0.46
C GLU B 70 -15.73 -28.36 0.80
N GLU B 71 -14.57 -28.81 1.29
CA GLU B 71 -14.54 -29.67 2.46
C GLU B 71 -15.18 -28.97 3.65
N TRP B 72 -14.76 -27.74 3.90
CA TRP B 72 -15.28 -27.03 5.06
C TRP B 72 -16.69 -26.51 4.79
N MET B 73 -17.00 -26.14 3.54
CA MET B 73 -18.34 -25.62 3.27
C MET B 73 -19.38 -26.69 3.53
N ARG B 74 -19.12 -27.91 3.06
CA ARG B 74 -20.07 -29.00 3.29
C ARG B 74 -20.31 -29.24 4.77
N GLU B 75 -19.34 -28.91 5.62
CA GLU B 75 -19.50 -29.28 7.01
C GLU B 75 -20.17 -28.20 7.84
N CYS B 76 -20.59 -27.10 7.21
N CYS B 76 -20.56 -27.09 7.23
CA CYS B 76 -21.15 -25.98 7.95
CA CYS B 76 -21.19 -26.02 8.00
C CYS B 76 -22.35 -25.36 7.26
C CYS B 76 -22.35 -25.36 7.26
N ASN B 77 -22.96 -26.07 6.30
CA ASN B 77 -24.11 -25.57 5.54
C ASN B 77 -23.79 -24.25 4.86
N ALA B 78 -22.55 -24.11 4.35
CA ALA B 78 -22.12 -22.83 3.79
C ALA B 78 -22.81 -22.55 2.45
N SER B 79 -23.10 -21.26 2.21
CA SER B 79 -23.60 -20.76 0.93
C SER B 79 -22.71 -19.60 0.45
N TYR B 80 -23.12 -18.88 -0.60
CA TYR B 80 -22.22 -17.94 -1.27
C TYR B 80 -22.71 -16.51 -1.06
N LYS B 81 -21.74 -15.59 -0.90
CA LYS B 81 -21.97 -14.17 -0.65
C LYS B 81 -21.15 -13.32 -1.64
N MET B 82 -21.84 -12.63 -2.54
N MET B 82 -21.85 -12.62 -2.53
CA MET B 82 -21.16 -11.75 -3.49
CA MET B 82 -21.19 -11.76 -3.50
C MET B 82 -21.21 -10.28 -3.09
C MET B 82 -21.20 -10.29 -3.09
N ALA B 83 -22.05 -9.92 -2.12
CA ALA B 83 -22.15 -8.54 -1.65
C ALA B 83 -22.89 -8.51 -0.31
N VAL B 84 -22.92 -7.34 0.29
CA VAL B 84 -23.96 -6.96 1.24
C VAL B 84 -24.89 -6.07 0.44
N LYS B 85 -26.20 -6.32 0.52
CA LYS B 85 -27.21 -5.56 -0.20
C LYS B 85 -27.99 -4.78 0.84
N PHE B 86 -27.96 -3.44 0.71
CA PHE B 86 -28.58 -2.55 1.69
C PHE B 86 -29.97 -2.16 1.20
N ILE B 87 -30.96 -2.29 2.08
CA ILE B 87 -32.36 -2.13 1.69
C ILE B 87 -33.01 -1.14 2.64
N ASN B 88 -33.56 -0.06 2.07
CA ASN B 88 -34.42 0.91 2.76
C ASN B 88 -33.63 1.82 3.71
N TRP B 89 -32.35 2.04 3.40
CA TRP B 89 -31.48 2.88 4.21
C TRP B 89 -31.63 4.36 3.91
N ARG B 90 -32.42 4.70 2.88
CA ARG B 90 -32.64 6.05 2.39
C ARG B 90 -34.07 6.53 2.63
N THR B 91 -35.04 5.61 2.80
CA THR B 91 -36.45 5.91 2.86
C THR B 91 -37.04 5.63 4.25
N PRO B 92 -37.92 6.51 4.74
CA PRO B 92 -38.54 6.31 6.06
C PRO B 92 -39.55 5.18 6.11
N GLY B 93 -39.71 4.62 7.30
CA GLY B 93 -40.80 3.69 7.54
C GLY B 93 -40.45 2.53 8.44
N GLU B 94 -41.47 1.75 8.82
CA GLU B 94 -41.29 0.45 9.43
C GLU B 94 -40.36 -0.39 8.57
N GLY B 95 -39.72 -1.38 9.18
CA GLY B 95 -38.93 -2.36 8.46
C GLY B 95 -39.71 -3.26 7.52
N SER B 96 -39.21 -3.39 6.29
CA SER B 96 -39.81 -4.30 5.34
C SER B 96 -38.72 -4.98 4.51
N PRO B 97 -38.91 -6.27 4.19
CA PRO B 97 -37.96 -6.95 3.29
C PRO B 97 -38.03 -6.39 1.88
N ASP B 98 -39.13 -5.76 1.52
CA ASP B 98 -39.36 -5.23 0.18
C ASP B 98 -38.86 -3.78 0.11
N PRO B 99 -38.08 -3.44 -0.91
CA PRO B 99 -37.57 -2.06 -1.04
C PRO B 99 -38.62 -1.03 -1.41
N ARG B 100 -38.56 0.11 -0.71
CA ARG B 100 -39.42 1.22 -1.06
C ARG B 100 -38.91 1.86 -2.35
N THR B 101 -39.55 2.93 -2.79
CA THR B 101 -39.15 3.52 -4.05
C THR B 101 -38.57 4.90 -3.83
N LEU B 102 -37.45 5.17 -4.52
CA LEU B 102 -36.78 6.46 -4.48
C LEU B 102 -37.51 7.49 -5.32
N ASP B 103 -37.07 8.74 -5.17
CA ASP B 103 -37.64 9.84 -5.93
C ASP B 103 -37.38 9.68 -7.42
N ASP B 104 -36.27 9.03 -7.78
CA ASP B 104 -35.81 8.91 -9.16
C ASP B 104 -36.36 7.66 -9.82
N GLY B 105 -37.18 6.90 -9.10
CA GLY B 105 -37.88 5.73 -9.58
C GLY B 105 -37.18 4.44 -9.25
N HIS B 106 -35.90 4.52 -8.93
CA HIS B 106 -35.16 3.35 -8.52
C HIS B 106 -35.72 2.81 -7.21
N THR B 107 -35.48 1.53 -7.01
CA THR B 107 -35.75 0.87 -5.75
C THR B 107 -34.64 1.23 -4.76
N ASP B 108 -35.01 1.38 -3.49
CA ASP B 108 -34.07 1.74 -2.42
C ASP B 108 -33.31 0.47 -1.98
N THR B 109 -32.49 0.01 -2.92
CA THR B 109 -31.49 -1.01 -2.68
C THR B 109 -30.17 -0.55 -3.29
N PHE B 110 -29.07 -0.94 -2.64
CA PHE B 110 -27.77 -0.79 -3.27
C PHE B 110 -26.84 -1.86 -2.73
N HIS B 111 -25.89 -2.24 -3.57
CA HIS B 111 -24.99 -3.35 -3.31
C HIS B 111 -23.59 -2.86 -3.01
N HIS B 112 -22.90 -3.65 -2.20
CA HIS B 112 -21.47 -3.51 -1.91
C HIS B 112 -20.83 -4.83 -2.30
N PRO B 113 -20.54 -5.03 -3.59
CA PRO B 113 -19.96 -6.31 -4.02
C PRO B 113 -18.45 -6.33 -3.88
N PHE B 114 -17.90 -7.53 -4.05
CA PHE B 114 -16.48 -7.77 -3.96
C PHE B 114 -15.68 -7.58 -5.24
N GLY B 115 -16.29 -7.50 -6.42
CA GLY B 115 -15.41 -7.29 -7.55
C GLY B 115 -14.63 -6.00 -7.49
N LEU B 116 -13.75 -5.78 -8.45
CA LEU B 116 -12.89 -4.60 -8.45
C LEU B 116 -13.23 -3.80 -9.68
N LEU B 117 -13.17 -2.51 -9.53
CA LEU B 117 -13.59 -1.74 -10.68
C LEU B 117 -12.49 -1.74 -11.74
N PRO B 118 -12.88 -1.85 -13.00
CA PRO B 118 -11.93 -1.61 -14.09
C PRO B 118 -11.55 -0.14 -14.15
N SER B 119 -10.47 0.15 -14.84
CA SER B 119 -10.01 1.52 -14.96
C SER B 119 -9.78 1.81 -16.44
N ALA B 120 -9.80 3.09 -16.75
CA ALA B 120 -9.46 3.57 -18.08
C ALA B 120 -8.62 4.80 -17.90
N ASP B 121 -7.42 4.82 -18.52
CA ASP B 121 -6.49 5.94 -18.35
C ASP B 121 -6.23 6.15 -16.86
N GLN B 122 -6.08 5.03 -16.14
CA GLN B 122 -5.70 5.01 -14.73
C GLN B 122 -6.75 5.67 -13.83
N ILE B 123 -8.00 5.71 -14.28
CA ILE B 123 -9.08 6.32 -13.52
C ILE B 123 -10.16 5.25 -13.38
N PRO B 124 -10.60 4.95 -12.16
CA PRO B 124 -11.56 3.85 -11.95
C PRO B 124 -12.89 4.12 -12.63
N LEU B 125 -13.56 3.04 -13.02
CA LEU B 125 -14.85 3.17 -13.68
C LEU B 125 -15.80 4.03 -12.87
N SER B 126 -15.70 3.98 -11.53
CA SER B 126 -16.56 4.78 -10.66
C SER B 126 -16.58 6.25 -11.10
N HIS B 127 -15.41 6.78 -11.46
CA HIS B 127 -15.30 8.21 -11.71
C HIS B 127 -15.95 8.59 -13.02
N TYR B 128 -15.89 7.69 -14.00
CA TYR B 128 -16.59 7.93 -15.25
C TYR B 128 -18.10 7.85 -15.04
N TRP B 129 -18.55 6.88 -14.23
CA TRP B 129 -19.96 6.79 -13.88
C TRP B 129 -20.42 8.07 -13.19
N ALA B 130 -19.62 8.58 -12.25
CA ALA B 130 -20.05 9.75 -11.48
C ALA B 130 -20.14 10.97 -12.38
N ALA B 131 -19.23 11.07 -13.35
CA ALA B 131 -19.26 12.20 -14.27
C ALA B 131 -20.54 12.20 -15.08
N LYS B 132 -20.92 11.03 -15.61
CA LYS B 132 -22.19 10.92 -16.34
C LYS B 132 -23.38 11.25 -15.44
N ARG B 133 -23.41 10.73 -14.21
CA ARG B 133 -24.59 10.94 -13.38
C ARG B 133 -24.74 12.42 -13.03
N LEU B 134 -23.61 13.06 -12.72
CA LEU B 134 -23.61 14.46 -12.31
C LEU B 134 -24.02 15.35 -13.48
N GLN B 135 -23.72 14.93 -14.71
CA GLN B 135 -23.98 15.74 -15.90
C GLN B 135 -25.32 15.39 -16.55
N GLY B 136 -26.11 14.51 -15.92
CA GLY B 136 -27.39 14.06 -16.43
C GLY B 136 -27.30 13.19 -17.66
N GLU B 137 -26.16 12.58 -17.90
CA GLU B 137 -25.94 11.69 -19.04
C GLU B 137 -26.28 10.22 -18.77
N THR B 138 -26.52 9.82 -17.52
CA THR B 138 -27.01 8.48 -17.22
C THR B 138 -28.00 8.56 -16.05
N ASP B 139 -28.93 7.61 -16.03
CA ASP B 139 -29.77 7.42 -14.84
C ASP B 139 -29.51 6.06 -14.18
N GLU B 140 -28.50 5.32 -14.62
CA GLU B 140 -28.14 4.07 -13.97
C GLU B 140 -27.54 4.32 -12.60
N ASN B 141 -27.81 3.40 -11.67
CA ASN B 141 -27.13 3.45 -10.39
C ASN B 141 -25.69 2.96 -10.55
N PHE B 142 -24.84 3.41 -9.64
CA PHE B 142 -23.44 3.00 -9.65
C PHE B 142 -23.28 1.48 -9.71
N ASP B 143 -23.97 0.75 -8.82
CA ASP B 143 -23.72 -0.70 -8.77
C ASP B 143 -24.12 -1.38 -10.08
N GLU B 144 -25.30 -1.05 -10.65
CA GLU B 144 -25.72 -1.73 -11.86
C GLU B 144 -24.82 -1.33 -13.04
N ALA B 145 -24.32 -0.10 -13.07
CA ALA B 145 -23.49 0.35 -14.18
C ALA B 145 -22.07 -0.23 -14.11
N CYS B 146 -21.54 -0.46 -12.89
CA CYS B 146 -20.12 -0.71 -12.70
C CYS B 146 -19.75 -2.14 -12.30
N PHE B 147 -20.70 -2.95 -11.85
CA PHE B 147 -20.39 -4.33 -11.45
C PHE B 147 -21.38 -5.26 -12.14
N ALA B 148 -20.86 -6.15 -13.00
CA ALA B 148 -21.69 -7.20 -13.55
C ALA B 148 -22.29 -8.09 -12.45
N ASP B 149 -21.65 -8.14 -11.27
CA ASP B 149 -22.18 -8.94 -10.16
C ASP B 149 -23.57 -8.49 -9.76
N THR B 150 -23.87 -7.19 -9.91
CA THR B 150 -25.21 -6.69 -9.59
C THR B 150 -26.27 -7.46 -10.37
N ALA B 151 -26.03 -7.68 -11.67
CA ALA B 151 -27.02 -8.36 -12.49
C ALA B 151 -27.14 -9.81 -12.01
N ILE B 152 -26.00 -10.44 -11.72
CA ILE B 152 -25.98 -11.84 -11.29
C ILE B 152 -26.76 -11.98 -9.99
N MET B 153 -26.56 -11.05 -9.05
CA MET B 153 -27.27 -11.08 -7.78
C MET B 153 -28.77 -10.88 -7.98
N ASN B 154 -29.15 -9.92 -8.82
CA ASN B 154 -30.56 -9.65 -9.08
C ASN B 154 -31.29 -10.90 -9.55
N ALA B 155 -30.61 -11.76 -10.31
CA ALA B 155 -31.16 -13.01 -10.79
C ALA B 155 -30.80 -14.18 -9.89
N LYS B 156 -30.20 -13.91 -8.72
CA LYS B 156 -29.87 -14.91 -7.72
C LYS B 156 -29.07 -16.06 -8.32
N LYS B 157 -28.17 -15.74 -9.25
CA LYS B 157 -27.33 -16.77 -9.84
C LYS B 157 -26.07 -16.95 -9.01
N ALA B 158 -25.44 -18.11 -9.18
CA ALA B 158 -24.28 -18.49 -8.41
C ALA B 158 -23.04 -17.74 -8.90
N PRO B 159 -22.02 -17.60 -8.06
CA PRO B 159 -20.74 -17.02 -8.50
C PRO B 159 -19.83 -17.99 -9.23
N ARG B 160 -20.13 -19.30 -9.22
CA ARG B 160 -19.42 -20.30 -10.01
C ARG B 160 -20.41 -21.03 -10.92
N PHE B 161 -19.88 -21.59 -12.01
CA PHE B 161 -20.62 -22.53 -12.85
C PHE B 161 -20.69 -23.90 -12.17
N LEU B 162 -21.44 -24.83 -12.78
CA LEU B 162 -21.61 -26.14 -12.15
C LEU B 162 -20.35 -27.00 -12.25
N ASP B 163 -19.46 -26.68 -13.18
CA ASP B 163 -18.17 -27.37 -13.26
C ASP B 163 -17.12 -26.68 -12.43
N MET B 164 -17.52 -25.69 -11.65
CA MET B 164 -16.74 -24.98 -10.66
C MET B 164 -15.77 -23.96 -11.24
N ARG B 165 -15.86 -23.65 -12.53
CA ARG B 165 -15.14 -22.49 -13.03
C ARG B 165 -15.65 -21.25 -12.31
N ARG B 166 -14.74 -20.41 -11.85
CA ARG B 166 -15.13 -19.18 -11.18
C ARG B 166 -15.72 -18.18 -12.17
N ALA B 167 -16.80 -17.52 -11.77
CA ALA B 167 -17.38 -16.42 -12.54
C ALA B 167 -17.12 -15.07 -11.90
N THR B 168 -17.16 -14.96 -10.57
CA THR B 168 -16.92 -13.68 -9.92
C THR B 168 -16.19 -13.93 -8.61
N ASN B 169 -15.78 -12.82 -7.97
CA ASN B 169 -15.35 -12.86 -6.59
C ASN B 169 -16.54 -13.19 -5.69
N TYR B 170 -16.27 -13.88 -4.59
CA TYR B 170 -17.32 -14.10 -3.60
C TYR B 170 -16.74 -14.41 -2.23
N ALA B 171 -17.64 -14.40 -1.24
CA ALA B 171 -17.30 -14.90 0.08
C ALA B 171 -18.35 -15.91 0.52
N TRP B 172 -18.56 -16.06 1.83
CA TRP B 172 -19.29 -17.20 2.39
C TRP B 172 -20.27 -16.79 3.49
N HIS B 173 -21.39 -17.53 3.53
CA HIS B 173 -22.32 -17.62 4.67
C HIS B 173 -22.17 -18.99 5.33
N PHE B 174 -22.23 -19.05 6.68
CA PHE B 174 -22.17 -20.36 7.32
C PHE B 174 -22.67 -20.29 8.77
N ASP B 175 -22.92 -21.47 9.33
CA ASP B 175 -23.22 -21.67 10.75
C ASP B 175 -21.94 -21.67 11.58
N ALA B 176 -21.80 -20.65 12.44
CA ALA B 176 -20.55 -20.48 13.17
C ALA B 176 -20.23 -21.67 14.06
N SER B 177 -21.25 -22.25 14.73
CA SER B 177 -20.97 -23.37 15.63
C SER B 177 -20.52 -24.60 14.85
N LYS B 178 -20.98 -24.72 13.61
CA LYS B 178 -20.59 -25.83 12.76
C LYS B 178 -19.15 -25.66 12.30
N VAL B 179 -18.77 -24.41 11.99
CA VAL B 179 -17.40 -24.10 11.62
C VAL B 179 -16.49 -24.36 12.82
N ALA B 180 -16.90 -23.92 14.01
CA ALA B 180 -16.14 -24.17 15.22
C ALA B 180 -15.94 -25.68 15.40
N ALA B 181 -17.05 -26.43 15.37
CA ALA B 181 -16.99 -27.88 15.57
C ALA B 181 -16.06 -28.51 14.55
N PHE B 182 -16.10 -28.02 13.31
CA PHE B 182 -15.25 -28.59 12.25
C PHE B 182 -13.79 -28.32 12.55
N LEU B 183 -13.46 -27.06 12.88
CA LEU B 183 -12.09 -26.70 13.21
C LEU B 183 -11.60 -27.37 14.49
N ARG B 184 -12.48 -27.61 15.47
CA ARG B 184 -12.05 -28.31 16.67
C ARG B 184 -11.61 -29.73 16.35
N ASN B 185 -12.46 -30.48 15.65
CA ASN B 185 -12.07 -31.80 15.16
C ASN B 185 -10.79 -31.75 14.34
N PHE B 186 -10.66 -30.75 13.47
CA PHE B 186 -9.42 -30.62 12.69
C PHE B 186 -8.24 -30.47 13.65
N ALA B 187 -8.35 -29.52 14.60
CA ALA B 187 -7.21 -29.15 15.43
C ALA B 187 -6.81 -30.30 16.36
N VAL B 188 -7.79 -31.00 16.91
CA VAL B 188 -7.55 -32.10 17.84
C VAL B 188 -6.95 -33.31 17.10
N THR B 189 -7.58 -33.74 16.00
CA THR B 189 -7.14 -34.96 15.36
C THR B 189 -5.89 -34.72 14.50
N LYS B 190 -5.81 -33.58 13.83
CA LYS B 190 -4.73 -33.35 12.88
C LYS B 190 -3.55 -32.51 13.41
N GLN B 191 -3.79 -31.62 14.38
N GLN B 191 -3.78 -31.63 14.38
CA GLN B 191 -2.78 -30.68 14.83
CA GLN B 191 -2.75 -30.69 14.84
C GLN B 191 -2.38 -30.87 16.30
C GLN B 191 -2.33 -30.91 16.29
N ALA B 192 -2.70 -32.03 16.89
CA ALA B 192 -2.33 -32.35 18.28
C ALA B 192 -2.69 -31.25 19.27
N VAL B 193 -3.78 -30.52 19.04
CA VAL B 193 -4.24 -29.58 20.07
C VAL B 193 -4.99 -30.37 21.14
N GLU B 194 -4.73 -30.03 22.41
CA GLU B 194 -5.45 -30.65 23.50
C GLU B 194 -6.69 -29.84 23.82
N HIS B 195 -7.82 -30.52 23.93
CA HIS B 195 -9.11 -29.93 24.26
C HIS B 195 -9.42 -30.29 25.71
N VAL B 196 -9.60 -29.27 26.55
CA VAL B 196 -10.00 -29.46 27.94
C VAL B 196 -11.39 -28.87 28.09
N GLU B 197 -12.36 -29.72 28.41
N GLU B 197 -12.37 -29.74 28.33
CA GLU B 197 -13.76 -29.33 28.54
CA GLU B 197 -13.76 -29.30 28.54
C GLU B 197 -14.06 -29.13 30.02
C GLU B 197 -13.98 -29.12 30.04
N ASP B 198 -13.93 -27.87 30.47
CA ASP B 198 -14.07 -27.53 31.88
C ASP B 198 -14.29 -26.02 31.96
N GLU B 199 -14.64 -25.57 33.15
CA GLU B 199 -14.76 -24.16 33.44
C GLU B 199 -13.52 -23.65 34.18
N MET B 200 -13.09 -22.46 33.82
CA MET B 200 -11.98 -21.80 34.52
CA MET B 200 -11.99 -21.81 34.52
C MET B 200 -12.49 -21.21 35.83
N THR B 201 -11.79 -21.48 36.93
CA THR B 201 -12.18 -20.87 38.19
C THR B 201 -11.24 -19.78 38.68
N GLU B 202 -9.94 -19.89 38.37
CA GLU B 202 -8.92 -18.94 38.80
C GLU B 202 -7.94 -18.67 37.66
N VAL B 203 -7.39 -17.45 37.65
CA VAL B 203 -6.32 -17.06 36.75
C VAL B 203 -5.13 -16.72 37.63
N LEU B 204 -4.07 -17.52 37.51
CA LEU B 204 -2.93 -17.40 38.40
C LEU B 204 -1.88 -16.54 37.72
N THR B 205 -1.35 -15.58 38.47
CA THR B 205 -0.39 -14.63 37.97
C THR B 205 0.78 -14.57 38.93
N ASP B 206 1.97 -14.35 38.39
CA ASP B 206 3.20 -14.07 39.15
C ASP B 206 3.32 -12.59 39.56
N GLU B 207 4.46 -12.29 40.20
CA GLU B 207 4.77 -10.96 40.73
C GLU B 207 4.77 -9.89 39.64
N ARG B 208 5.14 -10.23 38.39
CA ARG B 208 5.25 -9.26 37.31
C ARG B 208 3.93 -9.01 36.59
N GLY B 209 2.90 -9.74 36.95
CA GLY B 209 1.60 -9.65 36.34
C GLY B 209 1.42 -10.54 35.13
N PHE B 210 2.35 -11.46 34.92
CA PHE B 210 2.22 -12.48 33.88
C PHE B 210 1.34 -13.62 34.33
N ILE B 211 0.50 -14.10 33.40
CA ILE B 211 -0.31 -15.27 33.72
C ILE B 211 0.62 -16.47 33.73
N THR B 212 0.49 -17.31 34.76
CA THR B 212 1.30 -18.52 34.84
C THR B 212 0.51 -19.79 34.56
N ALA B 213 -0.79 -19.81 34.82
CA ALA B 213 -1.63 -21.00 34.71
C ALA B 213 -3.10 -20.60 34.83
N LEU B 214 -3.99 -21.46 34.36
CA LEU B 214 -5.41 -21.33 34.70
C LEU B 214 -5.77 -22.52 35.57
N ARG B 215 -6.50 -22.29 36.68
CA ARG B 215 -7.12 -23.39 37.40
C ARG B 215 -8.52 -23.66 36.87
N THR B 216 -8.82 -24.94 36.61
CA THR B 216 -10.16 -25.41 36.27
C THR B 216 -11.00 -25.83 37.47
N LYS B 217 -12.32 -25.87 37.23
CA LYS B 217 -13.25 -26.31 38.25
C LYS B 217 -13.01 -27.75 38.71
N SER B 218 -12.38 -28.57 37.88
CA SER B 218 -12.06 -29.95 38.24
C SER B 218 -10.75 -30.11 38.98
N GLY B 219 -10.00 -29.04 39.18
CA GLY B 219 -8.75 -29.10 39.91
C GLY B 219 -7.54 -29.07 39.00
N ARG B 220 -7.69 -29.44 37.73
CA ARG B 220 -6.54 -29.48 36.85
C ARG B 220 -5.99 -28.06 36.71
N ILE B 221 -4.66 -27.93 36.71
CA ILE B 221 -4.01 -26.64 36.59
C ILE B 221 -3.41 -26.66 35.19
N LEU B 222 -3.71 -25.64 34.38
CA LEU B 222 -3.14 -25.57 33.04
C LEU B 222 -2.06 -24.50 33.00
N GLN B 223 -0.83 -24.98 32.99
CA GLN B 223 0.34 -24.13 32.93
C GLN B 223 0.55 -23.67 31.51
N GLY B 224 1.04 -22.45 31.36
CA GLY B 224 1.37 -21.99 30.03
C GLY B 224 2.33 -20.82 30.11
N ASP B 225 2.84 -20.44 28.94
CA ASP B 225 3.77 -19.34 28.80
C ASP B 225 3.16 -18.16 28.07
N LEU B 226 2.21 -18.42 27.18
CA LEU B 226 1.46 -17.39 26.48
C LEU B 226 -0.01 -17.80 26.51
N PHE B 227 -0.87 -16.83 26.77
CA PHE B 227 -2.31 -17.07 26.94
C PHE B 227 -3.07 -16.23 25.92
N VAL B 228 -3.99 -16.87 25.22
CA VAL B 228 -4.85 -16.20 24.24
C VAL B 228 -6.24 -16.16 24.83
N ASP B 229 -6.73 -14.94 25.03
CA ASP B 229 -8.08 -14.71 25.52
C ASP B 229 -9.08 -14.76 24.37
N CYS B 230 -9.78 -15.89 24.22
CA CYS B 230 -10.91 -15.99 23.31
C CYS B 230 -12.21 -16.22 24.10
N SER B 231 -12.33 -15.56 25.25
CA SER B 231 -13.46 -15.77 26.15
C SER B 231 -14.68 -14.94 25.78
N GLY B 232 -14.64 -14.18 24.67
CA GLY B 232 -15.70 -13.27 24.27
C GLY B 232 -15.73 -11.95 25.03
N PHE B 233 -16.94 -11.37 25.13
CA PHE B 233 -17.09 -9.98 25.59
C PHE B 233 -16.61 -9.79 27.02
N ARG B 234 -16.67 -10.86 27.83
CA ARG B 234 -16.24 -10.77 29.21
C ARG B 234 -14.75 -10.47 29.32
N GLY B 235 -13.95 -10.92 28.35
CA GLY B 235 -12.51 -10.71 28.38
C GLY B 235 -11.90 -11.13 29.71
N LEU B 236 -12.12 -12.41 30.06
CA LEU B 236 -11.75 -12.91 31.38
C LEU B 236 -10.26 -12.75 31.66
N LEU B 237 -9.42 -12.84 30.63
CA LEU B 237 -7.99 -12.65 30.79
C LEU B 237 -7.59 -11.19 30.59
N ILE B 238 -7.83 -10.63 29.38
CA ILE B 238 -7.27 -9.33 29.05
C ILE B 238 -7.86 -8.23 29.92
N ASN B 239 -9.17 -8.28 30.17
CA ASN B 239 -9.80 -7.20 30.91
C ASN B 239 -9.86 -7.49 32.40
N LYS B 240 -10.35 -8.67 32.79
CA LYS B 240 -10.50 -8.98 34.21
C LYS B 240 -9.14 -9.24 34.87
N ALA B 241 -8.44 -10.29 34.44
CA ALA B 241 -7.19 -10.66 35.09
C ALA B 241 -6.11 -9.60 34.87
N MET B 242 -5.87 -9.22 33.61
CA MET B 242 -4.80 -8.26 33.28
C MET B 242 -5.20 -6.81 33.50
N GLU B 243 -6.49 -6.53 33.67
CA GLU B 243 -6.98 -5.19 34.01
C GLU B 243 -6.74 -4.19 32.90
N GLU B 244 -6.70 -4.66 31.65
CA GLU B 244 -6.54 -3.73 30.55
C GLU B 244 -7.87 -3.05 30.26
N PRO B 245 -7.91 -1.72 30.21
CA PRO B 245 -9.18 -1.03 29.95
C PRO B 245 -9.69 -1.22 28.53
N PHE B 246 -11.01 -1.42 28.43
CA PHE B 246 -11.74 -1.44 27.17
C PHE B 246 -12.15 0.00 26.81
N ILE B 247 -11.81 0.42 25.59
CA ILE B 247 -12.22 1.74 25.10
C ILE B 247 -13.58 1.63 24.43
N ASP B 248 -14.61 2.12 25.12
CA ASP B 248 -15.95 2.14 24.56
C ASP B 248 -16.02 3.15 23.42
N MET B 249 -16.61 2.74 22.29
CA MET B 249 -16.64 3.60 21.12
C MET B 249 -18.06 3.74 20.63
N SER B 250 -18.99 3.79 21.58
CA SER B 250 -20.40 4.01 21.32
C SER B 250 -20.67 5.44 20.91
N ASP B 251 -19.65 6.29 20.96
CA ASP B 251 -19.72 7.65 20.44
C ASP B 251 -19.34 7.72 18.96
N HIS B 252 -19.14 6.56 18.31
CA HIS B 252 -19.00 6.40 16.87
C HIS B 252 -20.11 5.56 16.25
N LEU B 253 -20.60 4.56 16.96
CA LEU B 253 -21.63 3.64 16.49
C LEU B 253 -22.64 3.44 17.62
N LEU B 254 -23.92 3.73 17.36
CA LEU B 254 -24.90 3.76 18.44
C LEU B 254 -25.43 2.39 18.79
N CYS B 255 -25.40 1.44 17.84
CA CYS B 255 -26.01 0.15 18.11
C CYS B 255 -25.20 -0.62 19.15
N ASN B 256 -25.91 -1.34 20.00
CA ASN B 256 -25.32 -2.04 21.14
C ASN B 256 -26.03 -3.33 21.51
N SER B 257 -27.07 -3.75 20.79
CA SER B 257 -27.87 -4.92 21.14
C SER B 257 -28.31 -5.63 19.86
N ALA B 258 -28.69 -6.89 20.02
CA ALA B 258 -29.24 -7.68 18.90
C ALA B 258 -30.21 -8.72 19.42
N VAL B 259 -31.26 -8.95 18.64
CA VAL B 259 -32.17 -10.09 18.82
C VAL B 259 -32.16 -10.88 17.52
N ALA B 260 -31.98 -12.20 17.60
CA ALA B 260 -31.75 -12.99 16.40
C ALA B 260 -32.46 -14.32 16.49
N THR B 261 -32.64 -14.95 15.33
CA THR B 261 -33.15 -16.31 15.22
C THR B 261 -32.77 -16.88 13.87
N ALA B 262 -33.09 -18.15 13.66
CA ALA B 262 -33.04 -18.78 12.34
C ALA B 262 -34.45 -18.99 11.80
N VAL B 263 -34.61 -18.79 10.50
CA VAL B 263 -35.94 -18.82 9.89
C VAL B 263 -35.95 -19.87 8.78
N PRO B 264 -36.81 -20.89 8.85
CA PRO B 264 -36.88 -21.87 7.76
C PRO B 264 -37.31 -21.18 6.48
N HIS B 265 -36.85 -21.72 5.35
CA HIS B 265 -36.96 -21.01 4.07
C HIS B 265 -37.18 -21.98 2.93
N ASP B 266 -38.19 -21.67 2.12
CA ASP B 266 -38.54 -22.46 0.93
C ASP B 266 -37.60 -22.12 -0.23
N ASP B 267 -36.51 -22.89 -0.33
CA ASP B 267 -35.50 -22.63 -1.36
C ASP B 267 -36.08 -22.91 -2.74
N GLU B 268 -36.74 -24.06 -2.92
CA GLU B 268 -37.35 -24.43 -4.18
C GLU B 268 -38.28 -23.33 -4.70
N LYS B 269 -39.06 -22.72 -3.80
CA LYS B 269 -40.03 -21.72 -4.25
C LYS B 269 -39.32 -20.41 -4.57
N ASN B 270 -38.47 -19.93 -3.64
CA ASN B 270 -37.95 -18.57 -3.68
C ASN B 270 -36.55 -18.46 -4.28
N GLY B 271 -35.81 -19.55 -4.43
CA GLY B 271 -34.40 -19.41 -4.73
C GLY B 271 -33.60 -19.04 -3.50
N VAL B 272 -32.29 -18.93 -3.66
CA VAL B 272 -31.42 -18.49 -2.57
C VAL B 272 -30.65 -17.26 -3.04
N GLU B 273 -30.69 -16.19 -2.24
CA GLU B 273 -29.94 -14.99 -2.58
C GLU B 273 -28.46 -15.20 -2.31
N PRO B 274 -27.59 -14.99 -3.29
CA PRO B 274 -26.13 -15.03 -3.08
C PRO B 274 -25.56 -13.75 -2.48
N TYR B 275 -26.16 -13.30 -1.38
CA TYR B 275 -25.70 -12.09 -0.72
C TYR B 275 -26.32 -11.97 0.67
N THR B 276 -25.71 -11.11 1.48
CA THR B 276 -26.23 -10.77 2.79
C THR B 276 -27.06 -9.51 2.64
N SER B 277 -28.21 -9.46 3.31
CA SER B 277 -29.06 -8.28 3.22
C SER B 277 -28.99 -7.58 4.57
N SER B 278 -28.85 -6.25 4.51
CA SER B 278 -28.98 -5.39 5.67
C SER B 278 -30.26 -4.59 5.48
N ILE B 279 -31.30 -5.00 6.20
CA ILE B 279 -32.64 -4.44 6.08
C ILE B 279 -32.81 -3.39 7.17
N ALA B 280 -32.88 -2.14 6.76
CA ALA B 280 -33.03 -1.02 7.69
C ALA B 280 -34.35 -1.08 8.44
N MET B 281 -34.28 -0.71 9.72
CA MET B 281 -35.38 -0.69 10.68
C MET B 281 -35.46 0.70 11.29
N GLU B 282 -36.41 0.88 12.20
CA GLU B 282 -36.62 2.20 12.77
C GLU B 282 -35.52 2.56 13.76
N ALA B 283 -34.95 1.56 14.43
CA ALA B 283 -33.95 1.78 15.46
C ALA B 283 -32.74 0.87 15.27
N GLY B 284 -32.35 0.67 14.04
CA GLY B 284 -31.22 -0.17 13.69
C GLY B 284 -31.43 -0.83 12.34
N TRP B 285 -31.12 -2.12 12.27
CA TRP B 285 -31.17 -2.83 11.01
C TRP B 285 -31.20 -4.32 11.26
N THR B 286 -31.60 -5.07 10.24
CA THR B 286 -31.75 -6.50 10.37
C THR B 286 -30.91 -7.18 9.31
N TRP B 287 -30.09 -8.13 9.73
CA TRP B 287 -29.34 -8.94 8.79
C TRP B 287 -30.18 -10.11 8.31
N LYS B 288 -29.87 -10.56 7.10
CA LYS B 288 -30.40 -11.80 6.55
C LYS B 288 -29.25 -12.53 5.87
N ILE B 289 -29.00 -13.77 6.29
CA ILE B 289 -27.82 -14.50 5.84
C ILE B 289 -28.37 -15.84 5.35
N PRO B 290 -28.75 -15.91 4.07
CA PRO B 290 -29.29 -17.16 3.51
C PRO B 290 -28.32 -18.32 3.54
N MET B 291 -28.79 -19.45 4.06
CA MET B 291 -28.08 -20.71 3.92
C MET B 291 -29.00 -21.73 3.26
N LEU B 292 -28.52 -22.95 3.14
CA LEU B 292 -29.31 -24.01 2.53
C LEU B 292 -30.42 -24.39 3.50
N GLY B 293 -31.66 -24.03 3.16
CA GLY B 293 -32.86 -24.39 3.90
C GLY B 293 -33.32 -23.41 4.97
N ARG B 294 -32.48 -22.45 5.35
CA ARG B 294 -32.83 -21.49 6.39
C ARG B 294 -32.05 -20.23 6.06
N PHE B 295 -32.52 -19.10 6.56
CA PHE B 295 -31.68 -17.90 6.61
C PHE B 295 -31.52 -17.52 8.07
N GLY B 296 -30.31 -17.12 8.44
CA GLY B 296 -30.09 -16.48 9.71
C GLY B 296 -30.56 -15.04 9.66
N SER B 297 -31.14 -14.58 10.75
CA SER B 297 -31.53 -13.19 10.81
C SER B 297 -31.36 -12.67 12.22
N GLY B 298 -31.00 -11.40 12.31
CA GLY B 298 -30.83 -10.72 13.57
C GLY B 298 -31.05 -9.23 13.43
N HIS B 299 -31.86 -8.65 14.31
CA HIS B 299 -32.10 -7.22 14.30
C HIS B 299 -31.09 -6.55 15.23
N VAL B 300 -30.17 -5.78 14.66
CA VAL B 300 -29.20 -4.99 15.42
C VAL B 300 -29.84 -3.65 15.76
N TYR B 301 -29.74 -3.25 17.04
CA TYR B 301 -30.46 -2.05 17.48
C TYR B 301 -29.68 -1.36 18.58
N SER B 302 -29.93 -0.08 18.75
CA SER B 302 -29.51 0.67 19.94
C SER B 302 -30.60 0.60 21.00
N ASP B 303 -30.23 0.16 22.21
CA ASP B 303 -31.20 0.11 23.29
C ASP B 303 -31.40 1.47 23.98
N HIS B 304 -30.67 2.50 23.56
CA HIS B 304 -31.05 3.88 23.87
C HIS B 304 -32.32 4.32 23.17
N PHE B 305 -32.71 3.64 22.08
CA PHE B 305 -33.79 4.10 21.22
C PHE B 305 -34.89 3.06 21.03
N ALA B 306 -34.74 1.86 21.59
CA ALA B 306 -35.78 0.85 21.53
C ALA B 306 -35.52 -0.15 22.65
N THR B 307 -36.60 -0.59 23.29
CA THR B 307 -36.51 -1.63 24.32
C THR B 307 -36.33 -3.00 23.67
N GLN B 308 -35.79 -3.93 24.46
CA GLN B 308 -35.65 -5.29 23.96
C GLN B 308 -36.99 -5.84 23.45
N ASP B 309 -38.10 -5.43 24.07
CA ASP B 309 -39.41 -5.90 23.62
C ASP B 309 -39.84 -5.21 22.32
N GLU B 310 -39.65 -3.90 22.23
CA GLU B 310 -39.86 -3.16 20.98
C GLU B 310 -39.12 -3.83 19.82
N ALA B 311 -37.81 -4.04 19.98
CA ALA B 311 -37.02 -4.64 18.90
C ALA B 311 -37.52 -6.03 18.54
N THR B 312 -37.92 -6.83 19.53
CA THR B 312 -38.38 -8.19 19.23
C THR B 312 -39.68 -8.18 18.46
N LEU B 313 -40.57 -7.22 18.74
CA LEU B 313 -41.84 -7.18 18.02
C LEU B 313 -41.58 -6.77 16.57
N ALA B 314 -40.80 -5.70 16.37
CA ALA B 314 -40.49 -5.21 15.04
C ALA B 314 -39.77 -6.28 14.23
N PHE B 315 -38.85 -7.02 14.87
CA PHE B 315 -38.13 -8.08 14.18
C PHE B 315 -39.09 -9.20 13.77
N SER B 316 -39.98 -9.61 14.67
CA SER B 316 -41.00 -10.61 14.32
C SER B 316 -41.87 -10.12 13.17
N LYS B 317 -42.27 -8.84 13.21
CA LYS B 317 -43.12 -8.27 12.18
C LYS B 317 -42.48 -8.32 10.79
N LEU B 318 -41.16 -8.06 10.71
CA LEU B 318 -40.44 -8.16 9.44
C LEU B 318 -40.79 -9.43 8.69
N TRP B 319 -40.70 -10.57 9.37
CA TRP B 319 -40.78 -11.88 8.72
C TRP B 319 -42.10 -12.56 8.97
N GLY B 320 -43.03 -11.89 9.65
CA GLY B 320 -44.28 -12.47 10.06
C GLY B 320 -44.09 -13.69 10.93
N LEU B 321 -43.36 -13.49 12.03
CA LEU B 321 -43.13 -14.50 13.05
C LEU B 321 -44.13 -14.30 14.18
N ASP B 322 -44.43 -15.40 14.87
CA ASP B 322 -45.17 -15.35 16.12
C ASP B 322 -44.14 -15.08 17.22
N PRO B 323 -44.12 -13.88 17.81
CA PRO B 323 -43.13 -13.61 18.87
C PRO B 323 -43.30 -14.45 20.10
N ASP B 324 -44.49 -15.01 20.32
CA ASP B 324 -44.73 -15.87 21.47
C ASP B 324 -44.29 -17.31 21.21
N ASN B 325 -44.16 -17.71 19.94
CA ASN B 325 -43.85 -19.09 19.57
C ASN B 325 -42.61 -19.18 18.69
N THR B 326 -41.64 -18.30 18.91
CA THR B 326 -40.40 -18.29 18.14
C THR B 326 -39.26 -18.21 19.14
N GLU B 327 -38.20 -18.98 18.88
CA GLU B 327 -37.03 -19.04 19.76
C GLU B 327 -36.03 -17.95 19.38
N PHE B 328 -35.84 -16.97 20.26
CA PHE B 328 -34.98 -15.83 19.99
C PHE B 328 -33.78 -15.84 20.93
N ASN B 329 -32.63 -15.42 20.39
CA ASN B 329 -31.44 -15.16 21.19
C ASN B 329 -31.25 -13.66 21.31
N HIS B 330 -30.96 -13.19 22.53
N HIS B 330 -30.86 -13.22 22.52
CA HIS B 330 -30.68 -11.79 22.75
CA HIS B 330 -30.69 -11.80 22.83
C HIS B 330 -29.25 -11.61 23.22
C HIS B 330 -29.26 -11.56 23.30
N VAL B 331 -28.57 -10.62 22.64
CA VAL B 331 -27.20 -10.30 22.95
C VAL B 331 -27.09 -8.80 23.16
N ARG B 332 -26.35 -8.38 24.19
CA ARG B 332 -25.95 -6.99 24.36
C ARG B 332 -24.44 -6.93 24.21
N PHE B 333 -23.97 -6.10 23.27
CA PHE B 333 -22.56 -6.05 22.96
C PHE B 333 -21.90 -4.74 23.40
N ARG B 334 -20.62 -4.86 23.69
CA ARG B 334 -19.65 -3.78 23.75
C ARG B 334 -19.05 -3.53 22.37
N VAL B 335 -19.01 -2.25 21.99
CA VAL B 335 -18.49 -1.78 20.71
C VAL B 335 -17.28 -0.89 20.96
N GLY B 336 -16.14 -1.32 20.44
CA GLY B 336 -14.86 -0.70 20.70
C GLY B 336 -13.76 -1.74 20.73
N ARG B 337 -12.64 -1.35 21.35
CA ARG B 337 -11.47 -2.22 21.45
C ARG B 337 -10.73 -1.97 22.76
N ASN B 338 -9.98 -2.98 23.19
CA ASN B 338 -9.08 -2.77 24.33
C ASN B 338 -8.08 -1.67 24.03
N ARG B 339 -7.63 -1.01 25.10
CA ARG B 339 -6.57 -0.02 24.96
C ARG B 339 -5.34 -0.64 24.29
N ARG B 340 -5.00 -1.88 24.66
CA ARG B 340 -3.98 -2.66 23.97
C ARG B 340 -4.53 -4.08 23.84
N ALA B 341 -4.33 -4.69 22.68
CA ALA B 341 -4.86 -6.03 22.41
C ALA B 341 -4.04 -7.09 23.11
N TRP B 342 -2.75 -6.83 23.24
CA TRP B 342 -1.76 -7.76 23.81
C TRP B 342 -1.06 -7.04 24.96
N VAL B 343 -1.21 -7.58 26.15
CA VAL B 343 -0.56 -7.05 27.33
C VAL B 343 0.20 -8.18 28.01
N ARG B 344 1.48 -7.96 28.29
CA ARG B 344 2.35 -8.91 28.98
C ARG B 344 2.37 -10.21 28.17
N ASN B 345 1.81 -11.30 28.70
CA ASN B 345 1.78 -12.56 27.96
C ASN B 345 0.34 -12.99 27.66
N CYS B 346 -0.56 -12.00 27.56
CA CYS B 346 -1.96 -12.22 27.26
C CYS B 346 -2.35 -11.51 25.96
N VAL B 347 -2.72 -12.29 24.95
CA VAL B 347 -3.14 -11.78 23.64
C VAL B 347 -4.65 -12.01 23.49
N SER B 348 -5.41 -10.93 23.31
CA SER B 348 -6.85 -11.04 23.09
C SER B 348 -7.12 -11.24 21.59
N VAL B 349 -8.07 -12.13 21.28
CA VAL B 349 -8.50 -12.43 19.91
C VAL B 349 -10.03 -12.58 19.88
N GLY B 350 -10.67 -11.93 18.92
CA GLY B 350 -12.11 -12.04 18.79
C GLY B 350 -12.82 -11.04 19.65
N LEU B 351 -14.03 -11.41 20.12
CA LEU B 351 -14.83 -10.53 20.97
C LEU B 351 -14.06 -10.02 22.17
N ALA B 352 -13.12 -10.80 22.71
CA ALA B 352 -12.37 -10.33 23.87
C ALA B 352 -11.46 -9.16 23.52
N SER B 353 -11.04 -9.07 22.25
CA SER B 353 -10.25 -7.96 21.69
C SER B 353 -11.09 -6.74 21.32
N CYS B 354 -12.10 -6.90 20.47
CA CYS B 354 -12.78 -5.75 19.88
C CYS B 354 -14.06 -6.24 19.21
N PHE B 355 -14.99 -5.30 18.97
CA PHE B 355 -16.19 -5.65 18.24
C PHE B 355 -16.85 -4.43 17.61
N VAL B 356 -17.45 -4.67 16.44
CA VAL B 356 -18.46 -3.82 15.80
C VAL B 356 -19.61 -4.71 15.36
N GLU B 357 -20.79 -4.10 15.27
CA GLU B 357 -21.93 -4.73 14.62
C GLU B 357 -21.51 -5.35 13.28
N PRO B 358 -22.08 -6.49 12.92
CA PRO B 358 -21.72 -7.15 11.65
C PRO B 358 -22.30 -6.49 10.40
N LEU B 359 -22.27 -5.15 10.31
CA LEU B 359 -22.83 -4.45 9.17
C LEU B 359 -22.06 -4.72 7.88
N GLU B 360 -20.76 -5.01 7.97
CA GLU B 360 -19.93 -5.35 6.81
C GLU B 360 -19.10 -6.58 7.11
N SER B 361 -19.67 -7.50 7.90
CA SER B 361 -19.15 -8.86 8.06
C SER B 361 -17.68 -8.83 8.48
N SER B 362 -17.39 -8.05 9.53
CA SER B 362 -16.03 -7.80 10.00
C SER B 362 -15.50 -8.92 10.91
N GLY B 363 -16.39 -9.68 11.53
CA GLY B 363 -16.10 -10.51 12.68
C GLY B 363 -14.97 -11.51 12.53
N ILE B 364 -15.09 -12.38 11.53
CA ILE B 364 -14.14 -13.48 11.38
C ILE B 364 -12.83 -12.94 10.80
N TYR B 365 -12.93 -11.88 10.00
CA TYR B 365 -11.77 -11.18 9.48
C TYR B 365 -10.89 -10.69 10.62
N PHE B 366 -11.50 -10.06 11.64
CA PHE B 366 -10.78 -9.58 12.81
C PHE B 366 -10.03 -10.72 13.50
N ILE B 367 -10.68 -11.88 13.64
CA ILE B 367 -10.03 -13.05 14.20
C ILE B 367 -8.81 -13.46 13.37
N TYR B 368 -8.98 -13.73 12.06
CA TYR B 368 -7.84 -14.35 11.39
C TYR B 368 -6.73 -13.34 11.09
N ALA B 369 -7.03 -12.05 10.99
CA ALA B 369 -5.97 -11.06 10.89
C ALA B 369 -5.13 -11.00 12.17
N ALA B 370 -5.80 -11.07 13.33
CA ALA B 370 -5.08 -11.07 14.60
C ALA B 370 -4.17 -12.29 14.74
N ILE B 371 -4.67 -13.48 14.40
CA ILE B 371 -3.84 -14.67 14.56
CA ILE B 371 -3.86 -14.70 14.53
C ILE B 371 -2.70 -14.68 13.55
N HIS B 372 -2.96 -14.23 12.32
CA HIS B 372 -1.90 -14.03 11.34
C HIS B 372 -0.83 -13.11 11.92
N MET B 373 -1.27 -12.00 12.54
CA MET B 373 -0.33 -11.02 13.08
C MET B 373 0.38 -11.60 14.31
N LEU B 374 -0.33 -12.43 15.10
CA LEU B 374 0.29 -13.08 16.25
C LEU B 374 1.41 -14.04 15.82
N ALA B 375 1.14 -14.86 14.79
CA ALA B 375 2.18 -15.77 14.30
C ALA B 375 3.41 -15.01 13.81
N LYS B 376 3.23 -13.87 13.17
CA LYS B 376 4.36 -13.12 12.64
C LYS B 376 5.13 -12.41 13.75
N HIS B 377 4.44 -11.91 14.77
CA HIS B 377 5.08 -11.28 15.92
C HIS B 377 5.28 -12.24 17.06
N PHE B 378 5.29 -13.55 16.79
CA PHE B 378 5.35 -14.52 17.86
C PHE B 378 6.60 -14.31 18.71
N PRO B 379 6.46 -14.25 20.02
CA PRO B 379 7.57 -13.91 20.91
C PRO B 379 8.33 -15.15 21.38
N ASP B 380 9.41 -14.89 22.07
CA ASP B 380 9.97 -15.85 23.01
C ASP B 380 9.69 -15.37 24.42
N LYS B 381 10.24 -16.07 25.41
CA LYS B 381 9.85 -15.79 26.79
C LYS B 381 10.29 -14.42 27.29
N THR B 382 11.19 -13.71 26.59
CA THR B 382 11.51 -12.34 26.98
C THR B 382 10.47 -11.31 26.56
N PHE B 383 9.46 -11.68 25.76
CA PHE B 383 8.39 -10.77 25.33
C PHE B 383 8.88 -9.37 25.00
N ASP B 384 9.75 -9.32 23.99
CA ASP B 384 10.26 -8.09 23.43
C ASP B 384 9.12 -7.08 23.26
N LYS B 385 9.27 -5.93 23.91
CA LYS B 385 8.25 -4.88 23.95
C LYS B 385 7.88 -4.41 22.56
N VAL B 386 8.83 -4.46 21.63
CA VAL B 386 8.57 -3.92 20.30
C VAL B 386 7.63 -4.86 19.56
N LEU B 387 7.85 -6.18 19.69
CA LEU B 387 6.92 -7.14 19.09
C LEU B 387 5.50 -6.87 19.56
N VAL B 388 5.33 -6.69 20.87
CA VAL B 388 3.99 -6.52 21.42
C VAL B 388 3.40 -5.21 20.91
N ASP B 389 4.23 -4.16 20.88
CA ASP B 389 3.75 -2.85 20.47
C ASP B 389 3.35 -2.86 18.99
N ARG B 390 4.16 -3.49 18.14
CA ARG B 390 3.86 -3.52 16.72
C ARG B 390 2.59 -4.33 16.44
N PHE B 391 2.40 -5.43 17.16
CA PHE B 391 1.16 -6.18 17.02
C PHE B 391 -0.03 -5.28 17.38
N ASN B 392 0.05 -4.62 18.54
CA ASN B 392 -1.05 -3.78 19.03
C ASN B 392 -1.40 -2.68 18.02
N ARG B 393 -0.37 -2.11 17.41
CA ARG B 393 -0.54 -1.06 16.42
C ARG B 393 -1.39 -1.57 15.25
N GLU B 394 -1.12 -2.80 14.79
CA GLU B 394 -1.87 -3.35 13.67
C GLU B 394 -3.33 -3.58 14.05
N ILE B 395 -3.59 -4.07 15.26
CA ILE B 395 -4.97 -4.37 15.64
C ILE B 395 -5.76 -3.08 15.74
N GLU B 396 -5.14 -2.05 16.31
CA GLU B 396 -5.86 -0.81 16.53
C GLU B 396 -6.14 -0.12 15.21
N GLU B 397 -5.19 -0.14 14.27
CA GLU B 397 -5.43 0.45 12.96
C GLU B 397 -6.49 -0.33 12.18
N MET B 398 -6.38 -1.67 12.16
CA MET B 398 -7.39 -2.51 11.54
C MET B 398 -8.77 -2.15 12.08
N PHE B 399 -8.90 -2.09 13.41
CA PHE B 399 -10.23 -1.93 14.00
C PHE B 399 -10.76 -0.53 13.69
N ASP B 400 -9.95 0.50 13.96
CA ASP B 400 -10.45 1.86 13.87
C ASP B 400 -10.85 2.15 12.43
N ASP B 401 -10.13 1.59 11.46
CA ASP B 401 -10.40 1.86 10.06
C ASP B 401 -11.77 1.28 9.69
N THR B 402 -12.05 0.04 10.09
CA THR B 402 -13.35 -0.56 9.83
C THR B 402 -14.45 0.16 10.62
N ARG B 403 -14.12 0.61 11.83
CA ARG B 403 -15.07 1.37 12.63
C ARG B 403 -15.53 2.61 11.86
N ASP B 404 -14.56 3.43 11.43
CA ASP B 404 -14.80 4.60 10.58
C ASP B 404 -15.69 4.25 9.39
N PHE B 405 -15.39 3.17 8.69
CA PHE B 405 -16.13 2.82 7.49
C PHE B 405 -17.59 2.55 7.84
N LEU B 406 -17.82 1.87 8.96
CA LEU B 406 -19.19 1.58 9.37
C LEU B 406 -19.91 2.86 9.76
N GLN B 407 -19.23 3.75 10.48
CA GLN B 407 -19.86 5.01 10.85
C GLN B 407 -20.39 5.72 9.61
N ALA B 408 -19.60 5.73 8.54
CA ALA B 408 -20.02 6.35 7.28
C ALA B 408 -21.40 5.87 6.83
N HIS B 409 -21.69 4.56 7.01
CA HIS B 409 -23.00 4.02 6.62
C HIS B 409 -24.14 4.76 7.31
N TYR B 410 -23.96 5.12 8.58
CA TYR B 410 -25.02 5.73 9.37
C TYR B 410 -25.05 7.26 9.26
N TYR B 411 -23.85 7.86 9.21
CA TYR B 411 -23.75 9.31 9.26
C TYR B 411 -24.34 9.92 7.99
N PHE B 412 -24.21 9.23 6.87
CA PHE B 412 -24.61 9.71 5.57
C PHE B 412 -25.94 9.12 5.10
N SER B 413 -26.60 8.30 5.91
CA SER B 413 -28.02 8.01 5.65
C SER B 413 -28.85 9.30 5.61
N PRO B 414 -29.67 9.49 4.58
CA PRO B 414 -30.62 10.60 4.56
C PRO B 414 -31.80 10.44 5.49
N ARG B 415 -31.96 9.28 6.13
CA ARG B 415 -33.09 9.06 7.03
C ARG B 415 -33.06 9.99 8.23
N VAL B 416 -34.23 10.53 8.56
CA VAL B 416 -34.39 11.39 9.72
C VAL B 416 -35.77 11.19 10.33
N ASP B 417 -36.33 10.01 10.09
CA ASP B 417 -37.72 9.71 10.43
C ASP B 417 -37.90 9.18 11.85
N THR B 418 -36.86 8.65 12.48
CA THR B 418 -36.93 8.21 13.86
C THR B 418 -35.83 8.87 14.67
N PRO B 419 -35.95 8.86 16.01
CA PRO B 419 -34.88 9.48 16.82
C PRO B 419 -33.54 8.78 16.66
N PHE B 420 -33.57 7.46 16.41
CA PHE B 420 -32.35 6.71 16.11
C PHE B 420 -31.61 7.32 14.91
N TRP B 421 -32.29 7.42 13.76
CA TRP B 421 -31.62 7.93 12.57
C TRP B 421 -31.19 9.38 12.73
N ARG B 422 -31.98 10.17 13.46
CA ARG B 422 -31.60 11.55 13.75
C ARG B 422 -30.32 11.59 14.59
N ALA B 423 -30.25 10.74 15.60
CA ALA B 423 -29.16 10.72 16.58
C ALA B 423 -27.81 10.44 15.93
N ASN B 424 -27.80 9.69 14.82
CA ASN B 424 -26.55 9.33 14.18
C ASN B 424 -25.81 10.57 13.67
N LYS B 425 -26.54 11.62 13.31
CA LYS B 425 -25.91 12.84 12.81
C LYS B 425 -25.42 13.75 13.94
N GLU B 426 -25.61 13.35 15.20
CA GLU B 426 -25.09 14.09 16.35
C GLU B 426 -23.73 13.60 16.79
N LEU B 427 -23.31 12.47 16.26
CA LEU B 427 -22.08 11.78 16.59
C LEU B 427 -21.00 12.52 15.83
N LYS B 428 -19.76 12.35 16.25
CA LYS B 428 -18.70 13.10 15.60
C LYS B 428 -18.10 12.14 14.61
N LEU B 429 -17.73 12.66 13.45
CA LEU B 429 -17.05 11.85 12.47
C LEU B 429 -15.60 11.81 12.91
N ALA B 430 -14.99 10.64 12.80
CA ALA B 430 -13.55 10.56 12.97
C ALA B 430 -12.82 11.41 11.96
N ASP B 431 -11.62 11.87 12.36
CA ASP B 431 -10.81 12.67 11.45
C ASP B 431 -10.59 11.97 10.13
N SER B 432 -10.29 10.68 10.17
CA SER B 432 -9.88 9.99 8.95
C SER B 432 -11.03 9.86 7.97
N ILE B 433 -12.24 9.63 8.48
CA ILE B 433 -13.37 9.54 7.57
C ILE B 433 -13.83 10.92 7.06
N LYS B 434 -13.71 11.98 7.86
CA LYS B 434 -13.96 13.34 7.35
C LYS B 434 -13.03 13.62 6.17
N ASP B 435 -11.74 13.34 6.37
CA ASP B 435 -10.75 13.55 5.33
C ASP B 435 -11.14 12.83 4.04
N LYS B 436 -11.61 11.59 4.17
CA LYS B 436 -11.92 10.79 2.97
C LYS B 436 -13.15 11.35 2.26
N VAL B 437 -14.14 11.79 3.04
CA VAL B 437 -15.32 12.42 2.46
C VAL B 437 -14.91 13.68 1.68
N GLU B 438 -14.08 14.53 2.29
CA GLU B 438 -13.53 15.68 1.58
C GLU B 438 -12.90 15.27 0.26
N THR B 439 -12.10 14.20 0.28
CA THR B 439 -11.45 13.77 -0.94
C THR B 439 -12.48 13.33 -1.98
N TYR B 440 -13.40 12.46 -1.55
CA TYR B 440 -14.51 12.00 -2.39
C TYR B 440 -15.29 13.16 -2.99
N ARG B 441 -15.63 14.16 -2.16
CA ARG B 441 -16.49 15.25 -2.61
C ARG B 441 -15.81 16.11 -3.66
N ALA B 442 -14.48 16.11 -3.72
CA ALA B 442 -13.79 16.80 -4.79
C ALA B 442 -13.70 15.96 -6.06
N GLY B 443 -14.22 14.73 -6.05
CA GLY B 443 -14.15 13.87 -7.21
C GLY B 443 -12.93 12.97 -7.22
N LEU B 444 -12.04 13.09 -6.25
CA LEU B 444 -10.85 12.27 -6.17
C LEU B 444 -11.20 10.87 -5.69
N PRO B 445 -10.43 9.87 -6.10
CA PRO B 445 -10.56 8.53 -5.51
C PRO B 445 -10.11 8.48 -4.05
N VAL B 446 -10.69 7.53 -3.28
CA VAL B 446 -10.29 7.27 -1.89
C VAL B 446 -9.67 5.87 -1.82
N ASN B 447 -8.43 5.75 -1.34
CA ASN B 447 -7.82 4.42 -1.11
C ASN B 447 -7.81 3.59 -2.39
N LEU B 448 -7.29 4.16 -3.46
CA LEU B 448 -7.26 3.48 -4.74
C LEU B 448 -6.55 2.12 -4.62
N PRO B 449 -7.18 1.04 -5.11
CA PRO B 449 -6.52 -0.27 -5.22
C PRO B 449 -5.32 -0.29 -6.15
N VAL B 450 -4.24 -0.93 -5.68
CA VAL B 450 -3.00 -1.05 -6.44
C VAL B 450 -2.76 -2.49 -6.91
N THR B 451 -3.74 -3.37 -6.72
CA THR B 451 -3.57 -4.81 -6.90
C THR B 451 -4.79 -5.37 -7.60
N ASP B 452 -4.63 -6.51 -8.27
CA ASP B 452 -5.80 -7.26 -8.72
C ASP B 452 -6.46 -7.95 -7.52
N ARG B 465 -3.81 -3.94 4.51
CA ARG B 465 -3.26 -2.60 4.31
C ARG B 465 -4.26 -1.60 3.73
N ASN B 466 -4.82 -1.96 2.58
CA ASN B 466 -5.80 -1.15 1.86
C ASN B 466 -7.15 -1.87 1.84
N PHE B 467 -7.80 -1.99 3.01
CA PHE B 467 -8.86 -2.97 3.11
C PHE B 467 -10.18 -2.45 2.51
N TRP B 468 -10.63 -1.27 2.93
CA TRP B 468 -11.78 -0.60 2.30
C TRP B 468 -11.27 0.35 1.20
N THR B 469 -11.32 -0.12 -0.06
CA THR B 469 -10.81 0.58 -1.23
C THR B 469 -11.81 1.57 -1.83
N ASN B 470 -11.35 2.28 -2.89
CA ASN B 470 -12.18 3.25 -3.60
C ASN B 470 -13.53 2.70 -4.00
N GLY B 471 -13.55 1.45 -4.46
CA GLY B 471 -14.80 0.86 -4.92
C GLY B 471 -15.81 0.76 -3.79
N SER B 472 -15.31 0.42 -2.59
CA SER B 472 -16.18 0.24 -1.45
C SER B 472 -16.73 1.57 -0.95
N TYR B 473 -15.91 2.62 -0.99
CA TYR B 473 -16.40 3.94 -0.59
C TYR B 473 -17.49 4.41 -1.54
N TYR B 474 -17.32 4.17 -2.85
CA TYR B 474 -18.35 4.56 -3.80
C TYR B 474 -19.61 3.74 -3.56
N CYS B 475 -19.46 2.44 -3.29
CA CYS B 475 -20.62 1.60 -3.08
C CYS B 475 -21.52 2.21 -2.01
N ILE B 476 -20.92 2.74 -0.93
CA ILE B 476 -21.68 3.20 0.23
C ILE B 476 -22.11 4.65 0.02
N PHE B 477 -21.14 5.54 -0.26
CA PHE B 477 -21.48 6.94 -0.53
C PHE B 477 -22.53 7.08 -1.62
N ALA B 478 -22.26 6.55 -2.82
CA ALA B 478 -23.22 6.69 -3.91
C ALA B 478 -24.50 5.94 -3.59
N GLY B 479 -24.37 4.74 -3.01
CA GLY B 479 -25.54 3.95 -2.63
C GLY B 479 -26.50 4.75 -1.78
N LEU B 480 -25.96 5.56 -0.87
CA LEU B 480 -26.81 6.31 0.05
C LEU B 480 -27.17 7.66 -0.51
N GLY B 481 -26.63 8.02 -1.67
CA GLY B 481 -27.02 9.25 -2.33
C GLY B 481 -26.02 10.37 -2.16
N LEU B 482 -24.84 10.11 -1.60
CA LEU B 482 -23.82 11.14 -1.45
C LEU B 482 -22.91 11.10 -2.68
N MET B 483 -22.90 12.18 -3.44
CA MET B 483 -22.17 12.30 -4.69
C MET B 483 -21.05 13.33 -4.54
N PRO B 484 -20.01 13.26 -5.37
CA PRO B 484 -19.05 14.37 -5.43
C PRO B 484 -19.74 15.67 -5.77
N ARG B 485 -19.10 16.79 -5.39
CA ARG B 485 -19.61 18.10 -5.80
C ARG B 485 -19.65 18.22 -7.31
N ASN B 486 -18.69 17.61 -8.00
CA ASN B 486 -18.56 17.74 -9.45
C ASN B 486 -17.76 16.54 -9.94
N PRO B 487 -17.68 16.34 -11.25
CA PRO B 487 -16.79 15.27 -11.73
C PRO B 487 -15.35 15.62 -11.42
N LEU B 488 -14.52 14.58 -11.39
CA LEU B 488 -13.07 14.77 -11.39
C LEU B 488 -12.71 15.72 -12.53
N PRO B 489 -12.21 16.91 -12.23
CA PRO B 489 -11.94 17.89 -13.30
C PRO B 489 -11.06 17.37 -14.42
N ALA B 490 -10.08 16.50 -14.12
CA ALA B 490 -9.23 15.95 -15.17
C ALA B 490 -10.03 15.32 -16.31
N LEU B 491 -11.20 14.75 -16.00
CA LEU B 491 -12.00 14.10 -17.02
C LEU B 491 -12.43 15.09 -18.10
N ALA B 492 -12.51 16.37 -17.76
CA ALA B 492 -12.94 17.38 -18.71
C ALA B 492 -11.92 17.53 -19.81
N TYR B 493 -10.72 17.00 -19.63
CA TYR B 493 -9.63 17.19 -20.58
C TYR B 493 -9.31 15.90 -21.34
N LYS B 494 -10.16 14.87 -21.21
CA LYS B 494 -9.79 13.51 -21.60
C LYS B 494 -10.94 12.87 -22.38
N PRO B 495 -11.28 13.42 -23.55
CA PRO B 495 -12.36 12.82 -24.34
C PRO B 495 -12.10 11.39 -24.79
N GLN B 496 -10.85 11.07 -25.12
CA GLN B 496 -10.50 9.70 -25.48
C GLN B 496 -10.75 8.76 -24.31
N SER B 497 -10.44 9.20 -23.10
CA SER B 497 -10.58 8.33 -21.94
C SER B 497 -12.05 8.07 -21.64
N ILE B 498 -12.88 9.11 -21.75
CA ILE B 498 -14.32 8.93 -21.61
C ILE B 498 -14.84 7.93 -22.64
N ALA B 499 -14.34 8.01 -23.88
CA ALA B 499 -14.77 7.06 -24.90
C ALA B 499 -14.34 5.65 -24.56
N GLU B 500 -13.16 5.49 -23.96
N GLU B 500 -13.16 5.49 -23.96
CA GLU B 500 -12.73 4.16 -23.57
CA GLU B 500 -12.71 4.16 -23.55
C GLU B 500 -13.59 3.62 -22.44
C GLU B 500 -13.57 3.62 -22.43
N ALA B 501 -13.97 4.48 -21.50
CA ALA B 501 -14.82 4.05 -20.39
C ALA B 501 -16.17 3.56 -20.90
N GLU B 502 -16.72 4.21 -21.94
CA GLU B 502 -17.96 3.74 -22.56
C GLU B 502 -17.86 2.28 -22.96
N LEU B 503 -16.70 1.86 -23.49
CA LEU B 503 -16.53 0.46 -23.87
C LEU B 503 -16.58 -0.40 -22.62
N LEU B 504 -15.95 0.06 -21.53
CA LEU B 504 -16.01 -0.66 -20.26
C LEU B 504 -17.45 -0.83 -19.78
N PHE B 505 -18.23 0.26 -19.80
CA PHE B 505 -19.64 0.18 -19.42
C PHE B 505 -20.37 -0.90 -20.23
N ALA B 506 -20.06 -0.99 -21.53
CA ALA B 506 -20.70 -1.98 -22.41
C ALA B 506 -20.22 -3.38 -22.07
N ASP B 507 -18.95 -3.50 -21.70
CA ASP B 507 -18.41 -4.79 -21.27
C ASP B 507 -19.15 -5.29 -20.04
N VAL B 508 -19.49 -4.38 -19.12
CA VAL B 508 -20.21 -4.78 -17.91
C VAL B 508 -21.61 -5.28 -18.25
N LYS B 509 -22.31 -4.58 -19.15
CA LYS B 509 -23.63 -5.04 -19.58
C LYS B 509 -23.56 -6.39 -20.26
N ARG B 510 -22.63 -6.54 -21.22
N ARG B 510 -22.61 -6.55 -21.19
CA ARG B 510 -22.53 -7.81 -21.95
CA ARG B 510 -22.50 -7.78 -21.96
C ARG B 510 -22.15 -8.95 -21.01
C ARG B 510 -22.10 -8.96 -21.07
N LYS B 511 -21.15 -8.73 -20.15
CA LYS B 511 -20.75 -9.75 -19.19
C LYS B 511 -21.92 -10.14 -18.29
N GLY B 512 -22.59 -9.14 -17.71
CA GLY B 512 -23.73 -9.41 -16.85
C GLY B 512 -24.81 -10.21 -17.53
N ASP B 513 -25.16 -9.81 -18.76
CA ASP B 513 -26.20 -10.51 -19.52
C ASP B 513 -25.78 -11.94 -19.83
N THR B 514 -24.55 -12.14 -20.30
CA THR B 514 -24.10 -13.48 -20.66
C THR B 514 -24.11 -14.39 -19.44
N LEU B 515 -23.74 -13.85 -18.28
CA LEU B 515 -23.57 -14.68 -17.11
C LEU B 515 -24.91 -14.98 -16.46
N VAL B 516 -25.85 -14.03 -16.50
CA VAL B 516 -27.20 -14.32 -16.04
C VAL B 516 -27.81 -15.44 -16.87
N GLU B 517 -27.37 -15.60 -18.11
CA GLU B 517 -27.89 -16.63 -19.00
CA GLU B 517 -27.90 -16.64 -18.99
C GLU B 517 -27.21 -17.98 -18.82
N SER B 518 -25.90 -18.00 -18.52
CA SER B 518 -25.20 -19.28 -18.48
C SER B 518 -25.01 -19.86 -17.08
N LEU B 519 -25.11 -19.04 -16.00
CA LEU B 519 -24.79 -19.49 -14.65
C LEU B 519 -25.92 -20.34 -14.06
N PRO B 520 -25.60 -21.31 -13.20
CA PRO B 520 -26.68 -21.96 -12.43
C PRO B 520 -27.22 -21.00 -11.39
N SER B 521 -28.44 -21.27 -10.93
CA SER B 521 -28.95 -20.57 -9.77
C SER B 521 -28.09 -20.91 -8.56
N THR B 522 -28.05 -19.99 -7.60
CA THR B 522 -27.37 -20.28 -6.33
C THR B 522 -27.93 -21.57 -5.72
N TYR B 523 -29.26 -21.68 -5.70
CA TYR B 523 -29.93 -22.86 -5.19
C TYR B 523 -29.42 -24.15 -5.82
N ASP B 524 -29.32 -24.18 -7.15
CA ASP B 524 -28.86 -25.40 -7.81
C ASP B 524 -27.40 -25.70 -7.47
N LEU B 525 -26.55 -24.66 -7.42
CA LEU B 525 -25.15 -24.91 -7.12
C LEU B 525 -25.00 -25.45 -5.71
N LEU B 526 -25.85 -24.96 -4.80
CA LEU B 526 -25.81 -25.42 -3.42
C LEU B 526 -26.22 -26.88 -3.34
N ARG B 527 -27.27 -27.26 -4.09
CA ARG B 527 -27.70 -28.65 -4.14
C ARG B 527 -26.58 -29.56 -4.62
N GLN B 528 -25.94 -29.19 -5.74
CA GLN B 528 -24.78 -29.96 -6.20
C GLN B 528 -23.72 -30.07 -5.12
N LEU B 529 -23.41 -28.95 -4.44
CA LEU B 529 -22.32 -28.95 -3.48
C LEU B 529 -22.64 -29.83 -2.28
N HIS B 530 -23.84 -29.68 -1.73
CA HIS B 530 -24.21 -30.36 -0.49
C HIS B 530 -24.89 -31.70 -0.75
N GLY B 531 -24.73 -32.26 -1.95
CA GLY B 531 -25.31 -33.54 -2.31
C GLY B 531 -24.33 -34.49 -2.98
C1 WYH C . 18.57 2.07 -6.04
C10 WYH C . 11.93 2.72 -5.14
C11 WYH C . 13.20 3.20 -5.88
C2 WYH C . 18.00 3.35 -6.32
C3 WYH C . 16.61 3.53 -6.24
C4 WYH C . 15.76 2.44 -5.91
C5 WYH C . 14.34 2.25 -5.75
C6 WYH C . 14.13 0.92 -5.40
C7 WYH C . 16.38 1.18 -5.63
C8 WYH C . 17.78 0.98 -5.69
C9 WYH C . 12.80 0.28 -5.12
N1 WYH C . 15.36 0.24 -5.32
N2 WYH C . 11.65 1.27 -5.36
C1 WYH D . 23.83 19.05 -7.12
C10 WYH D . 20.20 16.95 -12.31
C11 WYH D . 20.54 18.05 -11.29
C2 WYH D . 22.98 19.99 -7.76
C3 WYH D . 22.19 19.65 -8.82
C4 WYH D . 22.21 18.35 -9.27
C5 WYH D . 21.55 17.63 -10.31
C6 WYH D . 21.99 16.32 -10.25
C7 WYH D . 23.07 17.42 -8.62
C8 WYH D . 23.89 17.75 -7.54
C9 WYH D . 21.57 15.21 -11.16
N1 WYH D . 22.93 16.18 -9.22
N2 WYH D . 20.25 15.58 -11.73
C1 GOL E . 19.14 7.67 17.59
O1 GOL E . 20.53 7.50 17.73
C2 GOL E . 18.45 6.31 17.93
O2 GOL E . 17.06 6.38 17.96
C3 GOL E . 19.02 5.26 16.93
O3 GOL E . 18.06 4.25 16.80
C1 WYH F . 27.15 19.48 -10.46
C10 WYH F . 22.49 18.68 -15.31
C11 WYH F . 22.90 18.65 -13.80
C2 WYH F . 25.92 18.87 -10.09
C3 WYH F . 24.90 18.72 -11.01
C4 WYH F . 25.07 19.15 -12.32
C5 WYH F . 24.27 19.14 -13.52
C6 WYH F . 25.04 19.71 -14.52
C7 WYH F . 26.32 19.74 -12.66
C8 WYH F . 27.36 19.92 -11.75
C9 WYH F . 24.58 19.91 -15.91
N1 WYH F . 26.29 20.09 -14.02
N2 WYH F . 23.65 18.79 -16.24
C1 GOL G . 13.59 32.01 -18.65
O1 GOL G . 13.82 32.85 -17.51
C2 GOL G . 13.47 30.49 -18.16
O2 GOL G . 14.18 29.59 -18.96
C3 GOL G . 13.96 30.42 -16.69
O3 GOL G . 14.37 29.08 -16.50
C1 GOL H . 0.06 28.50 4.43
O1 GOL H . -0.45 29.79 4.16
C2 GOL H . 0.25 28.31 5.98
O2 GOL H . 0.97 27.16 6.31
C3 GOL H . 0.93 29.61 6.55
O3 GOL H . 0.46 30.72 5.80
C1 GOL I . 17.58 16.11 -9.64
O1 GOL I . 18.51 15.16 -10.08
C2 GOL I . 16.76 16.67 -10.86
O2 GOL I . 15.45 16.92 -10.50
C3 GOL I . 16.87 15.68 -12.05
O3 GOL I . 17.01 16.44 -13.25
C1 GOL J . -1.55 15.63 -30.21
O1 GOL J . -0.98 14.36 -30.35
C2 GOL J . -0.70 16.33 -29.12
O2 GOL J . -1.16 17.62 -28.80
C3 GOL J . -0.63 15.34 -27.90
O3 GOL J . -1.82 14.59 -27.84
C1 GOL K . 4.74 -8.68 8.42
O1 GOL K . 3.85 -7.77 9.04
C2 GOL K . 5.11 -9.79 9.45
O2 GOL K . 5.36 -9.29 10.73
C3 GOL K . 6.33 -10.61 8.87
O3 GOL K . 5.82 -11.47 7.92
P PO4 L . 10.37 -6.60 -21.50
O1 PO4 L . 10.67 -5.12 -21.31
O2 PO4 L . 10.35 -7.27 -20.14
O3 PO4 L . 9.03 -6.82 -22.18
O4 PO4 L . 11.46 -7.17 -22.39
P PO4 M . 11.19 17.23 10.65
O1 PO4 M . 10.02 17.68 11.50
O2 PO4 M . 12.35 18.21 10.80
O3 PO4 M . 10.75 17.22 9.19
O4 PO4 M . 11.58 15.83 11.10
P PO4 N . 24.84 27.47 4.66
O1 PO4 N . 25.36 28.25 5.85
O2 PO4 N . 25.98 27.21 3.68
O3 PO4 N . 23.77 28.27 3.96
O4 PO4 N . 24.27 26.15 5.13
NA NA O . 21.83 12.51 17.26
C1 WYH P . -24.25 -8.72 17.68
C10 WYH P . -20.71 -14.38 16.93
C11 WYH P . -21.12 -13.15 17.75
C2 WYH P . -23.47 -9.17 18.77
C3 WYH P . -22.70 -10.32 18.69
C4 WYH P . -22.70 -11.05 17.52
C5 WYH P . -22.06 -12.24 17.07
C6 WYH P . -22.46 -12.45 15.76
C7 WYH P . -23.50 -10.58 16.42
C8 WYH P . -24.27 -9.42 16.49
C9 WYH P . -22.03 -13.58 14.92
N1 WYH P . -23.33 -11.44 15.34
N2 WYH P . -21.61 -14.73 15.81
C1 GOL Q . -43.09 3.06 -0.77
O1 GOL Q . -42.48 2.90 -2.04
C2 GOL Q . -42.26 4.13 0.07
O2 GOL Q . -42.98 4.75 1.09
C3 GOL Q . -41.49 5.08 -0.92
O3 GOL Q . -40.77 6.01 -0.15
P PO4 R . 1.96 -1.21 32.00
P PO4 R . -0.06 2.63 29.31
O1 PO4 R . 2.79 -0.05 32.52
O1 PO4 R . -0.57 4.03 29.57
O2 PO4 R . 1.92 -2.30 33.03
O2 PO4 R . -0.49 1.70 30.42
O3 PO4 R . 2.59 -1.75 30.74
O3 PO4 R . 1.46 2.64 29.26
O4 PO4 R . 0.56 -0.74 31.73
O4 PO4 R . -0.63 2.14 27.99
P PO4 S . -11.33 9.15 17.59
O1 PO4 S . -12.31 8.94 18.72
O2 PO4 S . -10.13 9.90 18.12
O3 PO4 S . -10.87 7.79 17.07
O4 PO4 S . -11.97 9.92 16.46
NA NA T . -0.90 -13.35 41.94
#